data_7FG9
#
_entry.id   7FG9
#
_cell.length_a   177.643
_cell.length_b   177.643
_cell.length_c   57.034
_cell.angle_alpha   90.000
_cell.angle_beta   90.000
_cell.angle_gamma   120.000
#
_symmetry.space_group_name_H-M   'P 63'
#
loop_
_entity.id
_entity.type
_entity.pdbx_description
1 polymer 'Glycosyl transferase'
2 non-polymer "URIDINE-5'-DIPHOSPHATE"
3 water water
#
_entity_poly.entity_id   1
_entity_poly.type   'polypeptide(L)'
_entity_poly.pdbx_seq_one_letter_code
;GSHMRIAQVAPLWERVPPPAYGGVELVVSLLTEELVKRGHEVTLFASGDSMTQAKLVSTYPHAIRLDPNVQEYAVYEALQ
LGEVFSRANEFDVIHSHVGYTALPYTSLVKTPVVHTLHGRFTADNERIFSQYRNQNYVSISHSQRQLRELNYIATVYNAI
AVETHHFYPQPSDPPYLAFLGRLSPEKGPHHAIEIAKRVGIPLRMAGKVDRVDRDYFKELIEPHIDGEFIQFIGEADHPT
KNALLGGAIAMLFPITWQEPFGLVMIESMAAGTPVVAIAKGAAPEVIEHGKTGFLCHSVEDCVAAVAQVPQLDRMACRDY
VWQRFSVERMVSEYEAVYDTVLANTFVHNGHRRGTIELMAS
;
_entity_poly.pdbx_strand_id   A,B
#
loop_
_chem_comp.id
_chem_comp.type
_chem_comp.name
_chem_comp.formula
UDP RNA linking URIDINE-5'-DIPHOSPHATE 'C9 H14 N2 O12 P2'
#
# COMPACT_ATOMS: atom_id res chain seq x y z
N HIS A 3 -13.80 -14.00 9.20
CA HIS A 3 -15.07 -14.69 9.36
C HIS A 3 -15.34 -15.76 8.28
N MET A 4 -14.28 -16.36 7.75
CA MET A 4 -14.38 -17.34 6.67
C MET A 4 -13.40 -18.48 6.93
N ARG A 5 -13.85 -19.70 6.72
CA ARG A 5 -12.93 -20.85 6.73
C ARG A 5 -12.38 -21.02 5.31
N ILE A 6 -11.06 -20.90 5.16
CA ILE A 6 -10.39 -20.79 3.86
C ILE A 6 -9.24 -21.79 3.80
N ALA A 7 -9.23 -22.64 2.78
CA ALA A 7 -8.11 -23.55 2.53
C ALA A 7 -7.18 -22.95 1.46
N GLN A 8 -5.87 -23.00 1.72
CA GLN A 8 -4.85 -22.60 0.75
C GLN A 8 -4.07 -23.84 0.34
N VAL A 9 -4.11 -24.18 -0.95
CA VAL A 9 -3.47 -25.38 -1.45
C VAL A 9 -2.24 -24.96 -2.27
N ALA A 10 -1.08 -25.20 -1.76
CA ALA A 10 0.18 -24.76 -2.32
C ALA A 10 0.87 -25.90 -3.06
N PRO A 11 1.64 -25.58 -4.12
CA PRO A 11 2.54 -26.57 -4.71
C PRO A 11 3.50 -27.06 -3.66
N LEU A 12 4.01 -28.27 -3.85
CA LEU A 12 4.85 -28.90 -2.84
C LEU A 12 6.33 -28.86 -3.18
N TRP A 13 6.72 -28.22 -4.29
CA TRP A 13 8.13 -28.22 -4.70
C TRP A 13 8.99 -27.42 -3.73
N GLU A 14 8.46 -26.32 -3.21
CA GLU A 14 9.20 -25.46 -2.29
C GLU A 14 8.45 -25.31 -0.96
N ARG A 15 9.17 -24.90 0.08
CA ARG A 15 8.54 -24.61 1.40
C ARG A 15 7.64 -23.39 1.25
N VAL A 16 6.54 -23.30 2.00
CA VAL A 16 5.61 -22.16 1.73
C VAL A 16 6.36 -20.85 1.91
N PRO A 18 9.34 -19.63 1.08
CA PRO A 18 10.41 -20.35 0.38
C PRO A 18 11.81 -19.88 0.80
N PRO A 19 12.73 -20.82 1.09
CA PRO A 19 14.08 -20.44 1.52
C PRO A 19 14.81 -19.64 0.44
N ALA A 20 14.77 -20.13 -0.80
CA ALA A 20 15.41 -19.45 -1.93
C ALA A 20 14.45 -19.41 -3.11
N TYR A 21 14.71 -20.18 -4.17
CA TYR A 21 13.82 -20.12 -5.33
C TYR A 21 12.40 -20.55 -4.98
N GLY A 22 11.42 -19.86 -5.57
CA GLY A 22 10.03 -20.27 -5.48
C GLY A 22 9.02 -19.12 -5.51
N GLY A 23 8.41 -18.89 -6.66
CA GLY A 23 7.52 -17.75 -6.79
C GLY A 23 6.14 -18.02 -6.23
N VAL A 24 5.49 -19.09 -6.73
CA VAL A 24 4.13 -19.42 -6.28
C VAL A 24 4.09 -19.56 -4.77
N GLU A 25 5.04 -20.30 -4.20
CA GLU A 25 4.99 -20.59 -2.76
C GLU A 25 5.22 -19.34 -1.92
N LEU A 26 5.95 -18.36 -2.44
CA LEU A 26 6.13 -17.11 -1.71
C LEU A 26 4.80 -16.35 -1.65
N VAL A 27 4.12 -16.27 -2.79
CA VAL A 27 2.85 -15.54 -2.86
C VAL A 27 1.79 -16.22 -2.01
N VAL A 28 1.71 -17.55 -2.08
CA VAL A 28 0.79 -18.28 -1.20
C VAL A 28 1.10 -17.97 0.26
N SER A 29 2.38 -17.90 0.61
CA SER A 29 2.74 -17.58 1.99
C SER A 29 2.19 -16.22 2.39
N LEU A 30 2.44 -15.20 1.56
CA LEU A 30 2.03 -13.85 1.88
C LEU A 30 0.51 -13.72 1.95
N LEU A 31 -0.20 -14.38 1.03
CA LEU A 31 -1.67 -14.38 1.07
C LEU A 31 -2.16 -15.03 2.34
N THR A 32 -1.56 -16.16 2.71
CA THR A 32 -2.01 -16.95 3.84
C THR A 32 -1.82 -16.20 5.14
N GLU A 33 -0.57 -15.80 5.42
CA GLU A 33 -0.28 -15.13 6.69
C GLU A 33 -1.19 -13.92 6.89
N GLU A 34 -1.39 -13.13 5.84
CA GLU A 34 -2.25 -11.96 5.96
C GLU A 34 -3.71 -12.36 6.20
N LEU A 35 -4.18 -13.44 5.55
CA LEU A 35 -5.58 -13.84 5.78
C LEU A 35 -5.78 -14.25 7.24
N VAL A 36 -4.74 -14.78 7.88
CA VAL A 36 -4.81 -15.13 9.29
C VAL A 36 -4.90 -13.86 10.14
N LYS A 37 -4.10 -12.83 9.80
CA LYS A 37 -4.15 -11.60 10.61
C LYS A 37 -5.51 -10.93 10.51
N ARG A 38 -6.12 -10.91 9.32
CA ARG A 38 -7.43 -10.31 9.12
C ARG A 38 -8.57 -11.13 9.75
N GLY A 39 -8.25 -12.25 10.41
CA GLY A 39 -9.19 -12.95 11.27
C GLY A 39 -9.84 -14.18 10.69
N HIS A 40 -9.62 -14.48 9.40
CA HIS A 40 -10.15 -15.69 8.81
C HIS A 40 -9.58 -16.93 9.50
N GLU A 41 -10.16 -18.08 9.21
CA GLU A 41 -9.71 -19.37 9.74
C GLU A 41 -9.14 -20.16 8.57
N VAL A 42 -7.81 -20.20 8.48
CA VAL A 42 -7.13 -20.68 7.28
C VAL A 42 -6.45 -22.00 7.55
N THR A 43 -6.59 -22.94 6.61
CA THR A 43 -5.75 -24.14 6.59
C THR A 43 -4.83 -24.09 5.39
N LEU A 44 -3.53 -24.27 5.64
CA LEU A 44 -2.50 -24.31 4.60
C LEU A 44 -2.19 -25.76 4.28
N PHE A 45 -2.32 -26.14 3.01
CA PHE A 45 -1.90 -27.47 2.53
C PHE A 45 -0.57 -27.28 1.83
N ALA A 46 0.51 -27.64 2.50
CA ALA A 46 1.84 -27.41 1.99
C ALA A 46 2.79 -28.44 2.60
N SER A 47 4.07 -28.34 2.30
CA SER A 47 5.05 -29.25 2.86
C SER A 47 5.18 -29.01 4.36
N GLY A 48 5.64 -30.04 5.07
CA GLY A 48 5.63 -30.07 6.54
C GLY A 48 6.63 -29.14 7.20
N ASP A 49 7.64 -28.66 6.47
CA ASP A 49 8.57 -27.64 6.98
C ASP A 49 8.06 -26.23 6.75
N SER A 50 6.85 -26.08 6.21
CA SER A 50 6.29 -24.73 5.93
C SER A 50 6.05 -23.98 7.23
N MET A 51 6.31 -22.68 7.22
CA MET A 51 6.17 -21.86 8.45
C MET A 51 4.92 -21.00 8.35
N THR A 52 3.91 -21.28 9.18
CA THR A 52 2.63 -20.55 9.06
C THR A 52 1.88 -20.41 10.38
N GLN A 53 1.18 -19.31 10.55
CA GLN A 53 0.26 -19.19 11.67
C GLN A 53 -1.11 -19.82 11.40
N ALA A 54 -1.39 -20.25 10.16
CA ALA A 54 -2.60 -21.02 9.87
C ALA A 54 -2.42 -22.47 10.32
N LYS A 55 -3.46 -23.28 10.15
CA LYS A 55 -3.33 -24.70 10.46
C LYS A 55 -2.60 -25.37 9.30
N LEU A 56 -1.49 -26.05 9.61
CA LEU A 56 -0.73 -26.74 8.57
C LEU A 56 -1.17 -28.19 8.47
N VAL A 57 -1.56 -28.60 7.26
CA VAL A 57 -1.85 -29.99 6.93
C VAL A 57 -0.87 -30.37 5.83
N SER A 58 0.11 -31.20 6.17
CA SER A 58 1.19 -31.48 5.25
C SER A 58 1.17 -32.94 4.84
N THR A 59 1.65 -33.22 3.64
CA THR A 59 1.59 -34.58 3.15
C THR A 59 2.97 -35.21 3.09
N TYR A 60 4.03 -34.46 3.40
CA TYR A 60 5.40 -34.95 3.45
C TYR A 60 6.23 -33.88 4.14
N PRO A 61 7.21 -34.24 4.99
CA PRO A 61 7.86 -33.24 5.87
C PRO A 61 8.73 -32.18 5.18
N HIS A 62 9.23 -32.39 3.97
CA HIS A 62 10.14 -31.44 3.33
C HIS A 62 9.65 -31.09 1.95
N ALA A 63 10.04 -29.92 1.46
CA ALA A 63 9.83 -29.60 0.06
C ALA A 63 10.56 -30.61 -0.82
N ILE A 64 10.07 -30.79 -2.03
CA ILE A 64 10.44 -31.94 -2.83
C ILE A 64 11.64 -31.68 -3.74
N ARG A 65 11.75 -30.49 -4.35
CA ARG A 65 12.84 -30.22 -5.28
C ARG A 65 14.20 -30.49 -4.65
N LEU A 66 14.47 -29.92 -3.47
CA LEU A 66 15.76 -30.10 -2.81
C LEU A 66 15.75 -31.24 -1.80
N ASP A 67 14.86 -32.24 -1.98
CA ASP A 67 14.87 -33.54 -1.32
C ASP A 67 15.29 -34.59 -2.33
N PRO A 68 16.34 -35.35 -2.02
CA PRO A 68 16.86 -36.37 -2.95
C PRO A 68 16.29 -37.77 -2.72
N ASN A 69 15.47 -37.94 -1.69
CA ASN A 69 14.77 -39.19 -1.43
C ASN A 69 13.36 -39.22 -2.01
N VAL A 70 13.02 -38.26 -2.88
CA VAL A 70 11.69 -38.18 -3.48
C VAL A 70 11.87 -37.99 -4.97
N GLN A 71 11.14 -38.78 -5.78
CA GLN A 71 11.32 -38.78 -7.22
C GLN A 71 10.01 -38.95 -7.98
N GLU A 72 8.87 -38.77 -7.30
CA GLU A 72 7.51 -38.96 -7.84
C GLU A 72 6.57 -37.90 -7.26
N TYR A 73 6.71 -36.69 -7.79
CA TYR A 73 5.92 -35.56 -7.31
C TYR A 73 4.43 -35.88 -7.34
N ALA A 74 3.96 -36.53 -8.41
CA ALA A 74 2.53 -36.84 -8.55
C ALA A 74 1.99 -37.63 -7.35
N VAL A 75 2.79 -38.52 -6.76
CA VAL A 75 2.35 -39.24 -5.57
C VAL A 75 1.90 -38.25 -4.50
N TYR A 76 2.78 -37.29 -4.18
CA TYR A 76 2.50 -36.35 -3.10
C TYR A 76 1.44 -35.35 -3.52
N GLU A 77 1.42 -34.98 -4.80
CA GLU A 77 0.33 -34.16 -5.32
C GLU A 77 -1.01 -34.86 -5.15
N ALA A 78 -1.10 -36.11 -5.60
CA ALA A 78 -2.36 -36.85 -5.46
C ALA A 78 -2.74 -37.04 -3.99
N LEU A 79 -1.75 -37.20 -3.11
CA LEU A 79 -2.07 -37.29 -1.69
C LEU A 79 -2.67 -35.99 -1.20
N GLN A 80 -2.09 -34.86 -1.59
CA GLN A 80 -2.53 -33.57 -1.06
C GLN A 80 -3.92 -33.24 -1.56
N LEU A 81 -4.17 -33.43 -2.86
CA LEU A 81 -5.51 -33.24 -3.37
C LEU A 81 -6.50 -34.12 -2.64
N GLY A 82 -6.08 -35.33 -2.24
CA GLY A 82 -6.94 -36.17 -1.44
C GLY A 82 -7.28 -35.55 -0.10
N GLU A 83 -6.26 -35.06 0.61
CA GLU A 83 -6.46 -34.46 1.93
C GLU A 83 -7.37 -33.24 1.86
N VAL A 84 -7.27 -32.47 0.79
CA VAL A 84 -7.98 -31.20 0.67
C VAL A 84 -9.47 -31.46 0.43
N PHE A 85 -9.78 -32.27 -0.58
CA PHE A 85 -11.15 -32.42 -1.05
C PHE A 85 -11.94 -33.44 -0.24
N SER A 86 -11.28 -34.37 0.45
CA SER A 86 -11.99 -35.21 1.40
C SER A 86 -12.46 -34.41 2.61
N ARG A 87 -11.80 -33.30 2.92
CA ARG A 87 -12.20 -32.36 3.95
C ARG A 87 -12.98 -31.16 3.40
N ALA A 88 -13.56 -31.26 2.20
CA ALA A 88 -14.08 -30.07 1.53
C ALA A 88 -15.09 -29.31 2.38
N ASN A 89 -15.87 -29.99 3.20
CA ASN A 89 -16.92 -29.29 3.93
C ASN A 89 -16.46 -28.72 5.27
N GLU A 90 -15.16 -28.79 5.57
CA GLU A 90 -14.55 -27.95 6.61
C GLU A 90 -14.29 -26.51 6.16
N PHE A 91 -14.61 -26.16 4.91
CA PHE A 91 -14.21 -24.87 4.34
C PHE A 91 -15.38 -24.19 3.66
N ASP A 92 -15.42 -22.87 3.78
CA ASP A 92 -16.34 -22.09 2.97
C ASP A 92 -15.83 -21.91 1.54
N VAL A 93 -14.50 -21.80 1.36
CA VAL A 93 -13.90 -21.75 0.02
C VAL A 93 -12.52 -22.39 0.07
N ILE A 94 -12.14 -23.00 -1.05
CA ILE A 94 -10.82 -23.60 -1.26
C ILE A 94 -10.12 -22.75 -2.29
N HIS A 95 -9.00 -22.15 -1.90
CA HIS A 95 -8.16 -21.40 -2.83
C HIS A 95 -7.01 -22.32 -3.26
N SER A 96 -7.03 -22.72 -4.53
CA SER A 96 -6.08 -23.69 -5.07
C SER A 96 -5.05 -22.99 -5.93
N HIS A 97 -3.79 -23.38 -5.77
CA HIS A 97 -2.68 -22.79 -6.51
C HIS A 97 -1.91 -23.84 -7.32
N VAL A 98 -2.43 -25.07 -7.42
CA VAL A 98 -1.66 -26.22 -7.90
C VAL A 98 -1.98 -26.56 -9.34
N GLY A 99 -2.69 -25.69 -10.05
CA GLY A 99 -2.95 -25.86 -11.47
C GLY A 99 -4.14 -26.72 -11.85
N TYR A 100 -4.07 -27.35 -13.02
CA TYR A 100 -5.25 -27.98 -13.58
C TYR A 100 -5.61 -29.29 -12.90
N THR A 101 -4.71 -29.91 -12.13
CA THR A 101 -5.03 -31.22 -11.53
C THR A 101 -6.16 -31.12 -10.51
N ALA A 102 -6.51 -29.92 -10.05
CA ALA A 102 -7.64 -29.76 -9.16
C ALA A 102 -8.96 -29.54 -9.88
N LEU A 103 -8.94 -29.30 -11.19
CA LEU A 103 -10.18 -29.02 -11.91
C LEU A 103 -11.18 -30.16 -11.80
N PRO A 104 -10.86 -31.42 -12.12
CA PRO A 104 -11.89 -32.47 -12.00
C PRO A 104 -12.36 -32.71 -10.57
N TYR A 105 -11.48 -32.59 -9.57
CA TYR A 105 -11.94 -32.70 -8.19
C TYR A 105 -13.05 -31.71 -7.89
N THR A 106 -12.97 -30.50 -8.42
CA THR A 106 -13.94 -29.46 -8.12
C THR A 106 -15.37 -29.85 -8.52
N SER A 107 -15.52 -30.68 -9.55
CA SER A 107 -16.83 -31.20 -9.92
C SER A 107 -17.39 -32.22 -8.93
N LEU A 108 -16.56 -32.81 -8.07
CA LEU A 108 -17.00 -33.84 -7.13
C LEU A 108 -17.34 -33.30 -5.74
N VAL A 109 -17.18 -32.00 -5.49
CA VAL A 109 -17.53 -31.45 -4.19
C VAL A 109 -18.44 -30.26 -4.42
N LYS A 110 -19.30 -29.99 -3.43
CA LYS A 110 -20.16 -28.81 -3.51
C LYS A 110 -19.41 -27.54 -3.15
N THR A 111 -18.45 -27.63 -2.22
CA THR A 111 -17.73 -26.43 -1.76
C THR A 111 -17.08 -25.70 -2.92
N PRO A 112 -17.30 -24.40 -3.07
CA PRO A 112 -16.74 -23.69 -4.23
C PRO A 112 -15.22 -23.59 -4.15
N VAL A 113 -14.59 -23.58 -5.33
CA VAL A 113 -13.14 -23.55 -5.48
C VAL A 113 -12.73 -22.30 -6.26
N VAL A 114 -11.61 -21.70 -5.87
CA VAL A 114 -10.98 -20.59 -6.60
C VAL A 114 -9.61 -21.06 -7.05
N HIS A 115 -9.36 -20.99 -8.36
CA HIS A 115 -8.07 -21.37 -8.95
C HIS A 115 -7.31 -20.10 -9.29
N THR A 116 -6.14 -19.90 -8.67
CA THR A 116 -5.23 -18.91 -9.22
C THR A 116 -4.41 -19.57 -10.31
N LEU A 117 -4.40 -18.98 -11.50
CA LEU A 117 -3.56 -19.45 -12.58
C LEU A 117 -2.16 -18.86 -12.42
N HIS A 118 -1.17 -19.72 -12.21
CA HIS A 118 0.21 -19.29 -11.99
C HIS A 118 1.10 -19.58 -13.17
N GLY A 119 0.59 -20.21 -14.22
CA GLY A 119 1.44 -20.53 -15.34
C GLY A 119 0.86 -20.12 -16.67
N ARG A 120 1.51 -20.58 -17.71
CA ARG A 120 1.21 -20.23 -19.09
C ARG A 120 0.25 -21.23 -19.71
N PHE A 121 -0.69 -20.74 -20.49
CA PHE A 121 -1.54 -21.62 -21.29
C PHE A 121 -0.70 -22.26 -22.40
N THR A 122 -0.93 -23.56 -22.62
CA THR A 122 -0.27 -24.33 -23.68
C THR A 122 -1.33 -25.01 -24.53
N ALA A 123 -0.92 -25.48 -25.71
CA ALA A 123 -1.83 -26.26 -26.54
C ALA A 123 -2.38 -27.45 -25.76
N ASP A 124 -1.59 -28.01 -24.85
CA ASP A 124 -2.06 -29.15 -24.07
C ASP A 124 -3.04 -28.71 -22.96
N ASN A 125 -2.64 -27.75 -22.10
CA ASN A 125 -3.52 -27.48 -20.96
C ASN A 125 -4.76 -26.68 -21.33
N GLU A 126 -4.83 -26.07 -22.51
CA GLU A 126 -6.10 -25.47 -22.91
C GLU A 126 -7.20 -26.52 -23.03
N ARG A 127 -6.84 -27.76 -23.37
CA ARG A 127 -7.86 -28.80 -23.49
C ARG A 127 -8.54 -29.11 -22.15
N ILE A 128 -7.84 -29.02 -21.04
CA ILE A 128 -8.54 -29.31 -19.79
C ILE A 128 -9.23 -28.06 -19.23
N PHE A 129 -8.61 -26.88 -19.37
CA PHE A 129 -9.25 -25.65 -18.88
C PHE A 129 -10.54 -25.37 -19.64
N SER A 130 -10.52 -25.56 -20.96
CA SER A 130 -11.73 -25.45 -21.77
C SER A 130 -12.84 -26.38 -21.26
N GLN A 131 -12.51 -27.62 -20.88
CA GLN A 131 -13.52 -28.53 -20.36
C GLN A 131 -14.13 -28.07 -19.06
N TYR A 132 -13.45 -27.17 -18.35
CA TYR A 132 -13.87 -26.69 -17.04
C TYR A 132 -13.93 -25.17 -17.04
N ARG A 133 -14.38 -24.60 -18.17
CA ARG A 133 -14.37 -23.16 -18.33
C ARG A 133 -15.30 -22.43 -17.36
N ASN A 134 -16.32 -23.10 -16.82
CA ASN A 134 -17.26 -22.42 -15.93
C ASN A 134 -16.78 -22.34 -14.49
N GLN A 135 -15.53 -22.66 -14.22
CA GLN A 135 -15.07 -22.61 -12.85
C GLN A 135 -14.44 -21.25 -12.54
N ASN A 136 -14.14 -21.03 -11.29
CA ASN A 136 -13.71 -19.71 -10.83
C ASN A 136 -12.21 -19.56 -11.01
N TYR A 137 -11.81 -18.72 -11.97
CA TYR A 137 -10.42 -18.49 -12.28
C TYR A 137 -10.04 -17.06 -11.92
N VAL A 138 -8.85 -16.91 -11.31
CA VAL A 138 -8.16 -15.63 -11.13
C VAL A 138 -6.87 -15.65 -11.95
N SER A 139 -6.75 -14.75 -12.92
CA SER A 139 -5.49 -14.58 -13.62
C SER A 139 -4.59 -13.61 -12.85
N ILE A 140 -3.28 -13.78 -13.01
CA ILE A 140 -2.30 -12.94 -12.30
C ILE A 140 -1.75 -11.83 -13.18
N SER A 141 -2.20 -11.75 -14.43
CA SER A 141 -1.93 -10.61 -15.31
C SER A 141 -2.98 -10.65 -16.41
N HIS A 142 -3.08 -9.56 -17.17
CA HIS A 142 -4.09 -9.58 -18.22
C HIS A 142 -3.57 -10.33 -19.43
N SER A 143 -2.28 -10.20 -19.74
CA SER A 143 -1.72 -10.90 -20.91
C SER A 143 -1.76 -12.42 -20.77
N GLN A 144 -1.94 -12.94 -19.54
CA GLN A 144 -2.01 -14.37 -19.33
C GLN A 144 -3.30 -14.96 -19.90
N ARG A 145 -4.37 -14.14 -19.99
CA ARG A 145 -5.70 -14.61 -20.33
C ARG A 145 -5.84 -15.01 -21.78
N GLN A 146 -5.08 -16.00 -22.22
CA GLN A 146 -5.08 -16.33 -23.63
C GLN A 146 -6.23 -17.24 -24.08
N LEU A 147 -7.00 -17.83 -23.15
CA LEU A 147 -8.12 -18.66 -23.56
C LEU A 147 -9.34 -17.85 -24.02
N ARG A 148 -9.83 -16.96 -23.13
CA ARG A 148 -10.89 -15.99 -23.43
C ARG A 148 -12.25 -16.56 -23.02
N GLU A 149 -12.53 -17.80 -23.38
CA GLU A 149 -13.72 -18.53 -23.02
C GLU A 149 -13.83 -18.91 -21.52
N LEU A 150 -13.04 -18.45 -20.55
CA LEU A 150 -13.10 -18.97 -19.19
C LEU A 150 -13.86 -18.01 -18.30
N ASN A 151 -14.33 -18.54 -17.16
CA ASN A 151 -14.97 -17.74 -16.12
C ASN A 151 -13.90 -17.03 -15.27
N TYR A 152 -13.29 -15.97 -15.83
CA TYR A 152 -12.35 -15.16 -15.07
C TYR A 152 -13.11 -14.30 -14.07
N ILE A 153 -12.92 -14.55 -12.77
CA ILE A 153 -13.51 -13.67 -11.75
C ILE A 153 -12.82 -12.32 -11.73
N ALA A 154 -11.48 -12.31 -11.84
CA ALA A 154 -10.70 -11.11 -11.62
C ALA A 154 -9.28 -11.34 -12.12
N THR A 155 -8.56 -10.24 -12.30
CA THR A 155 -7.11 -10.26 -12.30
C THR A 155 -6.64 -9.75 -10.94
N VAL A 156 -5.89 -10.57 -10.22
CA VAL A 156 -5.18 -10.14 -9.03
C VAL A 156 -3.69 -10.26 -9.36
N TYR A 157 -3.06 -9.12 -9.64
CA TYR A 157 -1.61 -9.07 -9.78
C TYR A 157 -0.94 -9.60 -8.51
N ASN A 158 0.24 -10.17 -8.67
CA ASN A 158 0.96 -10.68 -7.50
C ASN A 158 1.52 -9.50 -6.71
N ALA A 159 2.11 -9.82 -5.56
CA ALA A 159 2.69 -8.83 -4.65
C ALA A 159 3.92 -9.40 -3.95
N ILE A 160 4.70 -8.51 -3.33
CA ILE A 160 5.76 -8.89 -2.40
C ILE A 160 5.62 -8.06 -1.13
N ALA A 161 6.39 -8.44 -0.11
CA ALA A 161 6.44 -7.70 1.16
C ALA A 161 7.52 -6.64 0.99
N VAL A 162 7.13 -5.50 0.43
CA VAL A 162 8.10 -4.46 0.06
C VAL A 162 9.01 -4.12 1.22
N GLU A 163 8.45 -4.04 2.43
CA GLU A 163 9.21 -3.59 3.59
C GLU A 163 10.35 -4.55 3.92
N THR A 164 10.13 -5.86 3.73
CA THR A 164 11.23 -6.81 3.91
C THR A 164 12.33 -6.70 2.86
N HIS A 165 12.28 -5.77 1.91
CA HIS A 165 13.34 -5.56 0.94
C HIS A 165 14.08 -4.25 1.28
N HIS A 166 15.38 -4.35 1.55
CA HIS A 166 16.19 -3.15 1.80
C HIS A 166 16.23 -2.31 0.53
N PHE A 167 16.11 -0.99 0.68
CA PHE A 167 16.18 -0.09 -0.46
C PHE A 167 17.60 0.46 -0.62
N TYR A 168 18.05 0.55 -1.87
CA TYR A 168 19.44 0.92 -2.16
C TYR A 168 19.46 2.23 -2.95
N PRO A 169 19.67 3.37 -2.29
CA PRO A 169 19.51 4.65 -3.00
C PRO A 169 20.46 4.81 -4.16
N GLN A 170 21.67 4.25 -4.08
CA GLN A 170 22.61 4.36 -5.18
C GLN A 170 23.16 2.98 -5.52
N PRO A 171 23.39 2.66 -6.79
CA PRO A 171 23.96 1.36 -7.15
C PRO A 171 25.43 1.28 -6.75
N SER A 172 25.97 0.06 -6.82
CA SER A 172 27.37 -0.15 -6.48
C SER A 172 28.26 0.40 -7.57
N ASP A 173 29.39 0.95 -7.14
CA ASP A 173 30.44 1.41 -8.02
C ASP A 173 31.67 0.55 -7.85
N PRO A 174 32.23 -0.03 -8.94
CA PRO A 174 31.80 0.16 -10.34
C PRO A 174 30.48 -0.55 -10.67
N PRO A 175 29.80 -0.12 -11.74
CA PRO A 175 28.47 -0.66 -12.03
C PRO A 175 28.50 -2.13 -12.36
N TYR A 176 27.35 -2.77 -12.15
CA TYR A 176 27.10 -4.07 -12.74
C TYR A 176 25.62 -4.20 -13.08
N LEU A 177 25.33 -5.20 -13.91
CA LEU A 177 23.99 -5.61 -14.25
C LEU A 177 23.63 -6.88 -13.48
N ALA A 178 22.34 -7.12 -13.31
CA ALA A 178 21.86 -8.26 -12.55
C ALA A 178 20.97 -9.13 -13.41
N PHE A 179 21.04 -10.45 -13.13
CA PHE A 179 20.06 -11.43 -13.57
C PHE A 179 19.64 -12.23 -12.36
N LEU A 180 18.34 -12.46 -12.20
CA LEU A 180 17.83 -13.27 -11.09
C LEU A 180 16.67 -14.10 -11.59
N GLY A 181 16.78 -15.40 -11.49
CA GLY A 181 15.75 -16.27 -12.04
C GLY A 181 16.29 -17.65 -12.29
N ARG A 182 15.38 -18.56 -12.55
CA ARG A 182 15.79 -19.89 -12.95
C ARG A 182 16.49 -19.84 -14.30
N LEU A 183 17.60 -20.60 -14.41
CA LEU A 183 18.44 -20.57 -15.61
C LEU A 183 17.79 -21.44 -16.66
N SER A 184 16.74 -20.90 -17.27
CA SER A 184 15.92 -21.53 -18.30
C SER A 184 15.89 -20.66 -19.56
N PRO A 185 15.70 -21.27 -20.75
CA PRO A 185 15.55 -20.45 -21.97
C PRO A 185 14.40 -19.47 -21.90
N GLU A 186 13.34 -19.82 -21.16
CA GLU A 186 12.22 -18.89 -21.03
C GLU A 186 12.65 -17.57 -20.38
N LYS A 187 13.63 -17.62 -19.48
CA LYS A 187 14.11 -16.45 -18.76
C LYS A 187 15.24 -15.74 -19.47
N GLY A 188 15.78 -16.33 -20.54
CA GLY A 188 16.83 -15.74 -21.36
C GLY A 188 18.14 -15.30 -20.70
N PRO A 189 18.73 -16.09 -19.80
CA PRO A 189 20.02 -15.66 -19.24
C PRO A 189 21.16 -15.71 -20.25
N HIS A 190 21.02 -16.46 -21.35
CA HIS A 190 21.99 -16.34 -22.44
C HIS A 190 21.99 -14.92 -23.00
N HIS A 191 20.79 -14.37 -23.24
CA HIS A 191 20.66 -12.95 -23.64
C HIS A 191 21.25 -12.02 -22.60
N ALA A 192 21.03 -12.30 -21.32
CA ALA A 192 21.57 -11.41 -20.31
C ALA A 192 23.08 -11.34 -20.40
N ILE A 193 23.74 -12.48 -20.66
CA ILE A 193 25.19 -12.47 -20.82
C ILE A 193 25.60 -11.66 -22.05
N GLU A 194 25.00 -11.96 -23.22
CA GLU A 194 25.27 -11.20 -24.43
C GLU A 194 25.17 -9.69 -24.16
N ILE A 195 24.04 -9.25 -23.60
CA ILE A 195 23.81 -7.83 -23.38
C ILE A 195 24.93 -7.22 -22.57
N ALA A 196 25.36 -7.91 -21.51
CA ALA A 196 26.38 -7.31 -20.65
C ALA A 196 27.72 -7.22 -21.37
N LYS A 197 27.99 -8.14 -22.30
CA LYS A 197 29.25 -8.11 -23.04
C LYS A 197 29.28 -6.98 -24.06
N ARG A 198 28.19 -6.82 -24.84
CA ARG A 198 28.08 -5.67 -25.72
C ARG A 198 28.14 -4.36 -24.93
N VAL A 199 27.37 -4.28 -23.85
CA VAL A 199 27.31 -3.06 -23.06
C VAL A 199 28.65 -2.78 -22.36
N GLY A 200 29.41 -3.82 -22.03
CA GLY A 200 30.66 -3.66 -21.29
C GLY A 200 30.54 -3.48 -19.79
N ILE A 201 29.34 -3.54 -19.23
CA ILE A 201 29.19 -3.60 -17.77
C ILE A 201 29.13 -5.07 -17.38
N PRO A 202 29.79 -5.48 -16.28
CA PRO A 202 29.74 -6.90 -15.88
C PRO A 202 28.36 -7.38 -15.44
N LEU A 203 28.12 -8.67 -15.68
CA LEU A 203 26.90 -9.34 -15.22
C LEU A 203 27.14 -10.10 -13.92
N ARG A 204 26.21 -9.97 -12.98
CA ARG A 204 26.26 -10.73 -11.71
C ARG A 204 24.95 -11.51 -11.65
N MET A 205 24.96 -12.79 -12.06
CA MET A 205 23.73 -13.61 -12.13
C MET A 205 23.43 -14.32 -10.82
N ALA A 206 22.36 -15.12 -10.77
CA ALA A 206 21.94 -15.92 -9.59
C ALA A 206 20.69 -16.70 -9.99
N GLY A 207 20.57 -17.95 -9.54
CA GLY A 207 19.36 -18.70 -9.84
C GLY A 207 19.58 -20.20 -9.77
N LYS A 208 18.58 -20.90 -10.26
CA LYS A 208 18.37 -22.32 -10.06
C LYS A 208 18.44 -23.04 -11.41
N VAL A 209 19.00 -24.25 -11.42
CA VAL A 209 19.08 -25.08 -12.63
C VAL A 209 18.33 -26.38 -12.34
N ASP A 210 17.04 -26.45 -12.62
CA ASP A 210 16.45 -27.78 -12.62
C ASP A 210 16.86 -28.54 -13.87
N ARG A 211 16.92 -29.87 -13.74
CA ARG A 211 17.20 -30.72 -14.90
C ARG A 211 16.10 -30.53 -15.93
N VAL A 212 16.47 -30.69 -17.20
CA VAL A 212 15.73 -30.32 -18.41
C VAL A 212 16.44 -29.09 -18.95
N ASP A 213 16.63 -28.10 -18.08
CA ASP A 213 17.52 -26.98 -18.40
C ASP A 213 18.99 -27.36 -18.25
N ARG A 214 19.30 -28.60 -17.85
CA ARG A 214 20.68 -28.93 -17.51
C ARG A 214 21.60 -28.87 -18.74
N ASP A 215 21.19 -29.47 -19.87
CA ASP A 215 22.02 -29.36 -21.06
C ASP A 215 22.08 -27.91 -21.56
N TYR A 216 20.98 -27.16 -21.42
CA TYR A 216 20.99 -25.73 -21.76
C TYR A 216 22.00 -24.97 -20.92
N PHE A 217 22.08 -25.26 -19.61
CA PHE A 217 23.05 -24.56 -18.78
C PHE A 217 24.47 -24.94 -19.18
N LYS A 218 24.71 -26.24 -19.41
CA LYS A 218 26.05 -26.70 -19.76
C LYS A 218 26.51 -26.13 -21.11
N GLU A 219 25.62 -25.99 -22.08
CA GLU A 219 26.16 -25.65 -23.37
C GLU A 219 26.19 -24.14 -23.59
N LEU A 220 25.24 -23.42 -23.00
CA LEU A 220 25.03 -22.03 -23.35
C LEU A 220 25.33 -21.06 -22.23
N ILE A 221 25.37 -21.51 -20.98
CA ILE A 221 25.65 -20.63 -19.83
C ILE A 221 27.01 -20.93 -19.23
N GLU A 222 27.25 -22.19 -18.85
CA GLU A 222 28.50 -22.65 -18.26
C GLU A 222 29.77 -22.15 -18.96
N PRO A 223 29.92 -22.25 -20.29
CA PRO A 223 31.16 -21.77 -20.92
C PRO A 223 31.46 -20.30 -20.68
N HIS A 224 30.47 -19.48 -20.33
CA HIS A 224 30.69 -18.04 -20.19
C HIS A 224 30.96 -17.62 -18.76
N ILE A 225 30.60 -18.43 -17.77
CA ILE A 225 30.76 -18.04 -16.37
C ILE A 225 32.15 -18.34 -15.82
N ASP A 226 32.97 -19.09 -16.57
CA ASP A 226 34.31 -19.49 -16.13
C ASP A 226 35.15 -18.29 -15.70
N GLY A 227 34.99 -17.16 -16.37
CA GLY A 227 35.83 -16.01 -16.15
C GLY A 227 35.40 -15.16 -14.97
N GLU A 228 36.10 -14.02 -14.86
CA GLU A 228 35.92 -13.04 -13.79
C GLU A 228 34.76 -12.10 -14.06
N PHE A 229 34.55 -11.75 -15.34
CA PHE A 229 33.60 -10.71 -15.74
C PHE A 229 32.15 -11.14 -15.55
N ILE A 230 31.86 -12.45 -15.59
CA ILE A 230 30.53 -12.98 -15.26
C ILE A 230 30.61 -13.72 -13.93
N GLN A 231 29.68 -13.43 -13.05
CA GLN A 231 29.63 -14.13 -11.77
C GLN A 231 28.25 -14.67 -11.50
N PHE A 232 28.22 -15.80 -10.79
CA PHE A 232 27.00 -16.56 -10.66
C PHE A 232 26.52 -16.66 -9.21
N ILE A 233 27.32 -17.20 -8.28
CA ILE A 233 26.81 -17.67 -6.97
C ILE A 233 25.39 -18.21 -7.09
N GLY A 234 25.25 -19.49 -7.40
CA GLY A 234 23.95 -19.99 -7.82
C GLY A 234 22.93 -20.01 -6.69
N GLU A 235 21.67 -19.87 -7.07
CA GLU A 235 20.50 -19.92 -6.17
C GLU A 235 20.67 -19.16 -4.86
N ALA A 236 20.02 -18.01 -4.77
CA ALA A 236 20.22 -17.03 -3.71
C ALA A 236 19.01 -17.00 -2.78
N ASP A 237 19.26 -16.80 -1.49
CA ASP A 237 18.16 -16.60 -0.55
C ASP A 237 17.76 -15.11 -0.58
N HIS A 238 16.90 -14.71 0.35
CA HIS A 238 16.33 -13.36 0.31
C HIS A 238 17.36 -12.28 0.58
N PRO A 239 18.14 -12.30 1.68
CA PRO A 239 19.20 -11.28 1.84
C PRO A 239 20.14 -11.21 0.65
N THR A 240 20.47 -12.36 0.07
CA THR A 240 21.44 -12.37 -1.02
C THR A 240 20.84 -11.77 -2.28
N LYS A 241 19.62 -12.18 -2.64
CA LYS A 241 19.02 -11.70 -3.87
C LYS A 241 18.71 -10.23 -3.77
N ASN A 242 18.31 -9.78 -2.58
CA ASN A 242 18.05 -8.37 -2.40
C ASN A 242 19.31 -7.56 -2.64
N ALA A 243 20.42 -7.95 -1.99
CA ALA A 243 21.67 -7.23 -2.19
C ALA A 243 22.11 -7.29 -3.65
N LEU A 244 21.87 -8.43 -4.29
CA LEU A 244 22.20 -8.58 -5.70
C LEU A 244 21.46 -7.56 -6.55
N LEU A 245 20.13 -7.54 -6.44
CA LEU A 245 19.29 -6.63 -7.22
C LEU A 245 19.59 -5.16 -6.86
N GLY A 246 19.61 -4.86 -5.57
CA GLY A 246 19.81 -3.49 -5.13
C GLY A 246 21.13 -2.90 -5.59
N GLY A 247 22.16 -3.72 -5.73
CA GLY A 247 23.46 -3.19 -6.12
C GLY A 247 23.57 -2.83 -7.59
N ALA A 248 22.81 -3.48 -8.45
CA ALA A 248 22.96 -3.30 -9.88
C ALA A 248 22.38 -1.97 -10.36
N ILE A 249 22.92 -1.47 -11.47
CA ILE A 249 22.27 -0.31 -12.09
C ILE A 249 20.92 -0.68 -12.66
N ALA A 250 20.78 -1.94 -13.10
CA ALA A 250 19.54 -2.43 -13.74
C ALA A 250 19.51 -3.95 -13.73
N MET A 251 18.32 -4.52 -13.59
CA MET A 251 18.17 -5.99 -13.71
C MET A 251 17.74 -6.27 -15.14
N LEU A 252 18.36 -7.26 -15.76
CA LEU A 252 17.98 -7.65 -17.12
C LEU A 252 16.88 -8.70 -17.02
N PHE A 253 15.85 -8.56 -17.85
CA PHE A 253 14.72 -9.48 -17.84
C PHE A 253 14.38 -9.83 -19.29
N PRO A 254 15.33 -10.49 -19.99
CA PRO A 254 15.15 -10.79 -21.42
C PRO A 254 14.43 -12.12 -21.66
N ILE A 255 13.13 -12.08 -21.40
CA ILE A 255 12.31 -13.31 -21.50
C ILE A 255 11.94 -13.64 -22.95
N THR A 256 11.84 -14.92 -23.25
CA THR A 256 11.43 -15.40 -24.59
C THR A 256 10.13 -16.17 -24.36
N TRP A 257 9.33 -15.77 -23.38
CA TRP A 257 8.18 -16.57 -22.94
C TRP A 257 6.94 -15.70 -22.74
N GLN A 258 5.76 -16.32 -22.73
CA GLN A 258 4.56 -15.57 -22.32
C GLN A 258 4.58 -15.62 -20.80
N GLU A 259 5.49 -14.87 -20.20
CA GLU A 259 5.62 -14.79 -18.75
C GLU A 259 4.28 -14.49 -18.07
N PRO A 260 3.84 -15.34 -17.13
CA PRO A 260 2.57 -15.04 -16.44
C PRO A 260 2.62 -13.78 -15.60
N PHE A 261 3.64 -13.64 -14.76
CA PHE A 261 3.75 -12.40 -14.01
C PHE A 261 5.20 -11.93 -13.99
N GLY A 262 6.03 -12.50 -13.12
CA GLY A 262 7.44 -12.16 -13.09
C GLY A 262 7.84 -11.41 -11.83
N LEU A 263 7.91 -12.15 -10.70
CA LEU A 263 8.11 -11.52 -9.40
C LEU A 263 9.43 -10.76 -9.31
N VAL A 264 10.47 -11.28 -9.94
CA VAL A 264 11.83 -10.69 -9.86
C VAL A 264 11.81 -9.23 -10.31
N MET A 265 10.85 -8.84 -11.15
CA MET A 265 10.78 -7.45 -11.66
C MET A 265 10.36 -6.53 -10.53
N ILE A 266 9.30 -6.89 -9.81
CA ILE A 266 8.82 -6.06 -8.67
C ILE A 266 9.83 -6.17 -7.52
N GLU A 267 10.57 -7.27 -7.41
CA GLU A 267 11.60 -7.39 -6.36
C GLU A 267 12.76 -6.44 -6.66
N SER A 268 13.11 -6.30 -7.93
CA SER A 268 14.18 -5.38 -8.35
C SER A 268 13.74 -3.95 -8.08
N MET A 269 12.54 -3.62 -8.54
CA MET A 269 12.04 -2.23 -8.42
C MET A 269 11.98 -1.81 -6.94
N ALA A 270 11.61 -2.73 -6.06
CA ALA A 270 11.53 -2.45 -4.60
C ALA A 270 12.91 -2.08 -4.05
N ALA A 271 13.96 -2.76 -4.48
CA ALA A 271 15.33 -2.47 -4.01
C ALA A 271 15.84 -1.15 -4.58
N GLY A 272 15.11 -0.55 -5.52
CA GLY A 272 15.58 0.66 -6.17
C GLY A 272 16.08 0.48 -7.58
N THR A 273 16.08 -0.75 -8.11
CA THR A 273 16.71 -1.05 -9.38
C THR A 273 15.68 -1.16 -10.48
N PRO A 274 15.76 -0.32 -11.52
CA PRO A 274 14.86 -0.46 -12.67
C PRO A 274 15.17 -1.70 -13.49
N VAL A 275 14.30 -1.99 -14.44
CA VAL A 275 14.31 -3.25 -15.17
C VAL A 275 14.35 -2.95 -16.67
N VAL A 276 15.35 -3.50 -17.36
CA VAL A 276 15.33 -3.62 -18.82
C VAL A 276 14.76 -5.00 -19.15
N ALA A 277 13.61 -5.01 -19.82
CA ALA A 277 12.83 -6.23 -20.05
C ALA A 277 12.41 -6.35 -21.51
N ILE A 278 12.33 -7.58 -22.02
CA ILE A 278 11.72 -7.79 -23.32
C ILE A 278 10.20 -7.81 -23.16
N ALA A 279 9.50 -7.13 -24.08
CA ALA A 279 8.09 -6.81 -23.92
C ALA A 279 7.18 -8.00 -24.28
N LYS A 280 7.28 -9.06 -23.47
CA LYS A 280 6.52 -10.29 -23.65
C LYS A 280 5.73 -10.63 -22.37
N GLY A 281 4.71 -11.46 -22.53
CA GLY A 281 3.91 -11.87 -21.38
C GLY A 281 3.42 -10.68 -20.59
N ALA A 282 3.68 -10.69 -19.28
CA ALA A 282 3.21 -9.69 -18.33
C ALA A 282 4.13 -8.46 -18.22
N ALA A 283 5.27 -8.46 -18.93
CA ALA A 283 6.24 -7.38 -18.77
C ALA A 283 5.64 -5.99 -19.01
N PRO A 284 4.87 -5.73 -20.08
CA PRO A 284 4.32 -4.35 -20.27
C PRO A 284 3.37 -3.91 -19.18
N GLU A 285 2.70 -4.83 -18.48
CA GLU A 285 1.83 -4.41 -17.39
C GLU A 285 2.61 -4.09 -16.13
N VAL A 286 3.75 -4.73 -15.92
CA VAL A 286 4.46 -4.58 -14.66
C VAL A 286 5.44 -3.39 -14.69
N ILE A 287 6.05 -3.13 -15.82
CA ILE A 287 7.01 -2.05 -16.00
C ILE A 287 6.30 -0.87 -16.65
N GLU A 288 6.56 0.33 -16.13
CA GLU A 288 6.19 1.54 -16.87
C GLU A 288 7.41 2.07 -17.60
N HIS A 289 7.43 1.80 -18.90
CA HIS A 289 8.48 2.23 -19.81
C HIS A 289 8.81 3.69 -19.60
N GLY A 290 10.10 3.99 -19.41
CA GLY A 290 10.56 5.35 -19.17
C GLY A 290 10.46 5.81 -17.72
N LYS A 291 9.84 5.04 -16.83
CA LYS A 291 9.76 5.47 -15.45
C LYS A 291 10.41 4.45 -14.52
N THR A 292 9.97 3.19 -14.51
CA THR A 292 10.58 2.16 -13.67
C THR A 292 11.38 1.14 -14.48
N GLY A 293 11.74 1.46 -15.73
CA GLY A 293 12.44 0.53 -16.58
C GLY A 293 12.16 0.84 -18.05
N PHE A 294 12.64 -0.05 -18.92
CA PHE A 294 12.38 0.05 -20.35
C PHE A 294 11.91 -1.27 -20.95
N LEU A 295 10.98 -1.17 -21.88
CA LEU A 295 10.45 -2.30 -22.62
C LEU A 295 11.12 -2.35 -23.98
N CYS A 296 11.71 -3.50 -24.30
CA CYS A 296 12.47 -3.68 -25.51
C CYS A 296 11.96 -4.89 -26.26
N HIS A 297 12.24 -4.92 -27.56
CA HIS A 297 11.78 -5.99 -28.44
C HIS A 297 12.89 -6.93 -28.87
N SER A 298 14.15 -6.60 -28.59
CA SER A 298 15.28 -7.36 -29.08
C SER A 298 16.41 -7.25 -28.07
N VAL A 299 17.46 -8.04 -28.30
CA VAL A 299 18.65 -7.95 -27.47
C VAL A 299 19.31 -6.58 -27.63
N GLU A 300 19.49 -6.13 -28.87
CA GLU A 300 20.19 -4.87 -29.09
C GLU A 300 19.39 -3.68 -28.58
N ASP A 301 18.05 -3.79 -28.59
CA ASP A 301 17.22 -2.83 -27.87
C ASP A 301 17.66 -2.71 -26.41
N CYS A 302 17.87 -3.85 -25.75
CA CYS A 302 18.25 -3.82 -24.34
C CYS A 302 19.63 -3.19 -24.16
N VAL A 303 20.53 -3.45 -25.10
CA VAL A 303 21.87 -2.85 -25.06
C VAL A 303 21.76 -1.33 -25.03
N ALA A 304 20.97 -0.76 -25.97
CA ALA A 304 20.78 0.68 -26.01
C ALA A 304 20.10 1.18 -24.73
N ALA A 305 19.06 0.47 -24.28
CA ALA A 305 18.31 0.95 -23.12
C ALA A 305 19.16 0.97 -21.85
N VAL A 306 20.09 0.00 -21.69
CA VAL A 306 21.00 0.04 -20.54
C VAL A 306 21.75 1.38 -20.48
N ALA A 307 22.01 2.00 -21.62
CA ALA A 307 22.78 3.24 -21.62
C ALA A 307 22.00 4.39 -20.99
N GLN A 308 20.68 4.34 -21.04
CA GLN A 308 19.86 5.44 -20.59
C GLN A 308 19.15 5.11 -19.29
N VAL A 309 19.65 4.11 -18.56
CA VAL A 309 19.18 3.71 -17.23
C VAL A 309 19.47 4.73 -16.14
N PRO A 310 20.64 5.38 -16.11
CA PRO A 310 20.89 6.34 -15.00
C PRO A 310 19.90 7.48 -14.91
N GLN A 311 19.08 7.72 -15.93
CA GLN A 311 18.16 8.84 -15.88
C GLN A 311 16.91 8.52 -15.06
N LEU A 312 16.74 7.25 -14.65
CA LEU A 312 15.56 6.79 -13.94
C LEU A 312 15.71 6.99 -12.43
N ASP A 313 14.58 7.29 -11.79
CA ASP A 313 14.53 7.71 -10.39
C ASP A 313 14.35 6.47 -9.52
N ARG A 314 15.38 6.12 -8.74
CA ARG A 314 15.37 4.84 -7.97
C ARG A 314 14.30 4.78 -6.87
N MET A 315 14.00 5.90 -6.20
CA MET A 315 12.95 5.91 -5.15
C MET A 315 11.59 5.72 -5.81
N ALA A 316 11.39 6.27 -6.99
CA ALA A 316 10.13 6.09 -7.73
C ALA A 316 9.95 4.63 -8.10
N CYS A 317 11.05 3.88 -8.28
CA CYS A 317 10.89 2.45 -8.50
C CYS A 317 10.32 1.77 -7.28
N ARG A 318 10.80 2.16 -6.08
CA ARG A 318 10.22 1.58 -4.87
C ARG A 318 8.81 2.11 -4.63
N ASP A 319 8.57 3.42 -4.84
CA ASP A 319 7.22 3.96 -4.68
C ASP A 319 6.24 3.18 -5.52
N TYR A 320 6.67 2.77 -6.71
CA TYR A 320 5.78 2.16 -7.68
C TYR A 320 5.31 0.79 -7.21
N VAL A 321 6.20 0.01 -6.59
CA VAL A 321 5.83 -1.30 -6.08
C VAL A 321 4.86 -1.16 -4.92
N TRP A 322 5.11 -0.21 -3.99
CA TRP A 322 4.15 0.04 -2.90
C TRP A 322 2.75 0.36 -3.44
N GLN A 323 2.70 1.09 -4.54
CA GLN A 323 1.44 1.61 -5.06
C GLN A 323 0.62 0.54 -5.76
N ARG A 324 1.26 -0.43 -6.42
CA ARG A 324 0.58 -1.43 -7.25
C ARG A 324 0.73 -2.87 -6.78
N PHE A 325 1.82 -3.23 -6.13
CA PHE A 325 2.12 -4.64 -5.86
C PHE A 325 2.43 -4.88 -4.39
N SER A 326 1.72 -4.19 -3.50
CA SER A 326 1.79 -4.43 -2.07
C SER A 326 0.87 -5.58 -1.68
N VAL A 327 1.18 -6.20 -0.53
CA VAL A 327 0.42 -7.35 -0.05
C VAL A 327 -1.01 -6.94 0.32
N GLU A 328 -1.18 -5.79 0.98
CA GLU A 328 -2.52 -5.31 1.35
C GLU A 328 -3.46 -5.29 0.14
N ARG A 329 -2.97 -4.76 -0.98
CA ARG A 329 -3.81 -4.73 -2.20
C ARG A 329 -4.26 -6.14 -2.56
N MET A 330 -3.32 -7.08 -2.62
CA MET A 330 -3.53 -8.42 -3.21
C MET A 330 -4.52 -9.21 -2.35
N VAL A 331 -4.35 -9.19 -1.04
CA VAL A 331 -5.24 -9.94 -0.12
C VAL A 331 -6.62 -9.31 -0.10
N SER A 332 -6.71 -7.98 -0.05
CA SER A 332 -8.03 -7.36 -0.15
C SER A 332 -8.72 -7.77 -1.44
N GLU A 333 -7.96 -7.79 -2.54
CA GLU A 333 -8.55 -8.23 -3.81
C GLU A 333 -8.94 -9.70 -3.76
N TYR A 334 -8.16 -10.55 -3.05
CA TYR A 334 -8.55 -11.96 -3.00
C TYR A 334 -9.81 -12.18 -2.14
N GLU A 335 -9.96 -11.40 -1.05
CA GLU A 335 -11.20 -11.46 -0.25
C GLU A 335 -12.40 -11.03 -1.06
N ALA A 336 -12.25 -9.99 -1.90
CA ALA A 336 -13.34 -9.63 -2.81
C ALA A 336 -13.72 -10.82 -3.69
N VAL A 337 -12.75 -11.63 -4.09
CA VAL A 337 -13.01 -12.77 -4.95
C VAL A 337 -13.77 -13.86 -4.18
N TYR A 338 -13.35 -14.15 -2.94
CA TYR A 338 -14.09 -15.11 -2.14
C TYR A 338 -15.55 -14.67 -1.99
N ASP A 339 -15.77 -13.39 -1.70
CA ASP A 339 -17.13 -12.84 -1.60
C ASP A 339 -17.95 -13.11 -2.86
N THR A 340 -17.43 -12.74 -4.03
CA THR A 340 -18.15 -12.96 -5.28
C THR A 340 -18.42 -14.45 -5.52
N VAL A 341 -17.46 -15.32 -5.24
CA VAL A 341 -17.67 -16.73 -5.49
C VAL A 341 -18.77 -17.29 -4.60
N LEU A 342 -18.79 -16.90 -3.32
CA LEU A 342 -19.81 -17.42 -2.41
C LEU A 342 -21.21 -16.92 -2.77
N ALA A 343 -21.33 -15.66 -3.19
CA ALA A 343 -22.56 -15.06 -3.69
C ALA A 343 -23.05 -15.67 -5.06
N ASN A 344 -22.47 -16.75 -5.60
CA ASN A 344 -22.94 -17.36 -6.84
C ASN A 344 -23.23 -18.86 -6.60
N HIS B 3 -19.58 -1.91 -6.62
CA HIS B 3 -20.93 -2.43 -6.77
C HIS B 3 -22.06 -1.71 -5.95
N MET B 4 -21.74 -0.66 -5.19
CA MET B 4 -22.73 0.03 -4.36
C MET B 4 -22.93 1.48 -4.77
N ARG B 5 -24.02 2.09 -4.28
CA ARG B 5 -24.27 3.51 -4.41
C ARG B 5 -23.87 4.20 -3.10
N ILE B 6 -22.85 5.07 -3.16
CA ILE B 6 -22.25 5.66 -1.96
C ILE B 6 -22.34 7.18 -2.08
N ALA B 7 -22.81 7.83 -1.00
CA ALA B 7 -22.72 9.27 -0.88
C ALA B 7 -21.56 9.64 0.05
N GLN B 8 -20.79 10.65 -0.35
CA GLN B 8 -19.69 11.19 0.45
C GLN B 8 -20.05 12.62 0.82
N VAL B 9 -20.23 12.89 2.12
CA VAL B 9 -20.67 14.22 2.60
C VAL B 9 -19.48 14.92 3.26
N ALA B 10 -18.89 15.82 2.55
CA ALA B 10 -17.67 16.50 2.95
C ALA B 10 -17.99 17.85 3.60
N PRO B 11 -17.21 18.27 4.59
CA PRO B 11 -17.29 19.67 5.02
C PRO B 11 -17.09 20.60 3.83
N LEU B 12 -17.66 21.80 3.93
CA LEU B 12 -17.59 22.77 2.84
C LEU B 12 -16.55 23.86 3.07
N TRP B 13 -15.76 23.81 4.15
CA TRP B 13 -14.83 24.90 4.43
C TRP B 13 -13.73 25.00 3.36
N GLU B 14 -13.20 23.84 2.92
CA GLU B 14 -12.06 23.81 2.02
C GLU B 14 -12.47 22.98 0.82
N ARG B 15 -11.79 23.15 -0.30
CA ARG B 15 -12.17 22.39 -1.52
C ARG B 15 -11.77 20.92 -1.38
N VAL B 16 -12.59 19.99 -1.90
CA VAL B 16 -12.36 18.53 -1.63
C VAL B 16 -10.90 18.16 -1.91
N PRO B 18 -8.03 19.75 -1.31
CA PRO B 18 -7.78 21.07 -0.72
C PRO B 18 -6.51 21.74 -1.25
N PRO B 19 -6.58 23.04 -1.62
CA PRO B 19 -5.40 23.76 -2.09
C PRO B 19 -4.33 23.83 -1.00
N ALA B 20 -4.72 24.14 0.23
CA ALA B 20 -3.78 24.32 1.33
C ALA B 20 -4.32 23.65 2.60
N TYR B 21 -4.69 24.42 3.62
CA TYR B 21 -5.14 23.77 4.85
C TYR B 21 -6.43 22.96 4.63
N GLY B 22 -6.55 21.88 5.39
CA GLY B 22 -7.81 21.16 5.46
C GLY B 22 -7.64 19.66 5.47
N GLY B 23 -7.62 19.06 6.65
CA GLY B 23 -7.40 17.62 6.73
C GLY B 23 -8.57 16.81 6.20
N VAL B 24 -9.78 17.09 6.69
CA VAL B 24 -10.92 16.24 6.40
C VAL B 24 -11.18 16.15 4.90
N GLU B 25 -11.19 17.29 4.23
CA GLU B 25 -11.53 17.27 2.81
C GLU B 25 -10.45 16.54 2.01
N LEU B 26 -9.21 16.54 2.50
CA LEU B 26 -8.16 15.73 1.87
C LEU B 26 -8.50 14.25 1.96
N VAL B 27 -8.91 13.77 3.15
CA VAL B 27 -9.24 12.37 3.32
C VAL B 27 -10.51 12.00 2.56
N VAL B 28 -11.51 12.87 2.56
CA VAL B 28 -12.71 12.61 1.77
C VAL B 28 -12.34 12.49 0.29
N SER B 29 -11.44 13.35 -0.18
CA SER B 29 -11.01 13.29 -1.57
C SER B 29 -10.38 11.94 -1.91
N LEU B 30 -9.33 11.55 -1.20
CA LEU B 30 -8.67 10.29 -1.52
C LEU B 30 -9.62 9.11 -1.43
N LEU B 31 -10.50 9.09 -0.42
CA LEU B 31 -11.51 8.04 -0.33
C LEU B 31 -12.47 8.08 -1.52
N THR B 32 -12.92 9.28 -1.90
CA THR B 32 -13.91 9.37 -2.97
C THR B 32 -13.33 8.88 -4.29
N GLU B 33 -12.12 9.33 -4.63
CA GLU B 33 -11.54 8.98 -5.93
C GLU B 33 -11.27 7.49 -6.02
N GLU B 34 -10.82 6.90 -4.91
CA GLU B 34 -10.48 5.50 -4.90
C GLU B 34 -11.71 4.61 -4.98
N LEU B 35 -12.79 5.03 -4.31
CA LEU B 35 -14.05 4.31 -4.42
C LEU B 35 -14.57 4.30 -5.86
N VAL B 36 -14.38 5.40 -6.59
CA VAL B 36 -14.78 5.44 -7.99
C VAL B 36 -13.93 4.45 -8.81
N LYS B 37 -12.60 4.55 -8.73
CA LYS B 37 -11.73 3.60 -9.43
C LYS B 37 -12.11 2.14 -9.14
N ARG B 38 -12.74 1.87 -8.00
CA ARG B 38 -13.14 0.52 -7.65
C ARG B 38 -14.54 0.17 -8.15
N GLY B 39 -15.17 1.04 -8.93
CA GLY B 39 -16.42 0.70 -9.60
C GLY B 39 -17.69 0.99 -8.84
N HIS B 40 -17.62 1.69 -7.72
CA HIS B 40 -18.84 2.15 -7.08
C HIS B 40 -19.40 3.35 -7.84
N GLU B 41 -20.70 3.61 -7.64
CA GLU B 41 -21.34 4.83 -8.12
C GLU B 41 -21.38 5.79 -6.93
N VAL B 42 -20.59 6.85 -7.02
CA VAL B 42 -20.35 7.75 -5.89
C VAL B 42 -20.88 9.13 -6.26
N THR B 43 -21.63 9.73 -5.35
CA THR B 43 -21.91 11.16 -5.40
C THR B 43 -21.14 11.82 -4.28
N LEU B 44 -20.48 12.93 -4.61
CA LEU B 44 -19.73 13.74 -3.67
C LEU B 44 -20.49 15.03 -3.40
N PHE B 45 -20.77 15.30 -2.12
CA PHE B 45 -21.37 16.56 -1.69
C PHE B 45 -20.26 17.42 -1.10
N ALA B 46 -19.84 18.45 -1.83
CA ALA B 46 -18.75 19.34 -1.44
C ALA B 46 -18.89 20.65 -2.22
N SER B 47 -17.90 21.54 -2.08
CA SER B 47 -17.93 22.81 -2.79
C SER B 47 -17.81 22.60 -4.31
N GLY B 48 -18.36 23.56 -5.07
CA GLY B 48 -18.41 23.43 -6.53
C GLY B 48 -17.05 23.42 -7.21
N ASP B 49 -16.04 24.01 -6.58
CA ASP B 49 -14.71 23.94 -7.16
C ASP B 49 -14.03 22.60 -6.94
N SER B 50 -14.71 21.67 -6.29
CA SER B 50 -14.09 20.36 -5.96
C SER B 50 -13.82 19.55 -7.22
N MET B 51 -12.68 18.87 -7.27
CA MET B 51 -12.28 18.07 -8.44
C MET B 51 -12.47 16.58 -8.16
N THR B 52 -13.33 15.92 -8.92
CA THR B 52 -13.65 14.49 -8.62
C THR B 52 -14.19 13.74 -9.82
N GLN B 53 -13.86 12.46 -9.94
CA GLN B 53 -14.51 11.65 -10.95
C GLN B 53 -15.89 11.17 -10.53
N ALA B 54 -16.27 11.50 -9.29
CA ALA B 54 -17.63 11.19 -8.82
C ALA B 54 -18.60 12.27 -9.30
N LYS B 55 -19.90 12.04 -9.12
CA LYS B 55 -20.88 13.09 -9.44
C LYS B 55 -20.78 14.11 -8.32
N LEU B 56 -20.53 15.37 -8.66
CA LEU B 56 -20.42 16.43 -7.63
C LEU B 56 -21.76 17.11 -7.45
N VAL B 57 -22.26 17.10 -6.22
CA VAL B 57 -23.45 17.89 -5.93
C VAL B 57 -23.00 19.03 -5.03
N SER B 58 -23.16 20.26 -5.50
CA SER B 58 -22.62 21.40 -4.77
C SER B 58 -23.72 22.42 -4.53
N THR B 59 -23.70 23.05 -3.36
CA THR B 59 -24.68 24.07 -3.03
C THR B 59 -24.09 25.46 -3.09
N TYR B 60 -22.79 25.58 -3.34
CA TYR B 60 -22.19 26.87 -3.55
C TYR B 60 -20.89 26.66 -4.32
N PRO B 61 -20.52 27.58 -5.24
CA PRO B 61 -19.41 27.30 -6.16
C PRO B 61 -18.01 27.39 -5.59
N HIS B 62 -17.82 27.79 -4.32
CA HIS B 62 -16.48 28.00 -3.79
C HIS B 62 -16.43 27.53 -2.35
N ALA B 63 -15.26 27.05 -1.94
CA ALA B 63 -15.06 26.71 -0.54
C ALA B 63 -15.22 27.96 0.32
N ILE B 64 -15.80 27.78 1.53
CA ILE B 64 -16.34 28.90 2.27
C ILE B 64 -15.25 29.74 2.93
N ARG B 65 -14.17 29.13 3.42
CA ARG B 65 -13.21 29.83 4.26
C ARG B 65 -12.46 30.90 3.47
N LEU B 66 -11.78 30.49 2.41
CA LEU B 66 -11.01 31.44 1.59
C LEU B 66 -11.89 32.24 0.64
N ASP B 67 -13.21 32.07 0.71
CA ASP B 67 -14.07 33.08 0.07
C ASP B 67 -14.39 34.21 1.06
N PRO B 68 -14.21 35.48 0.67
CA PRO B 68 -14.59 36.59 1.56
C PRO B 68 -16.00 37.13 1.36
N ASN B 69 -16.73 36.66 0.34
CA ASN B 69 -18.12 37.03 0.14
C ASN B 69 -19.09 36.12 0.90
N VAL B 70 -18.58 35.18 1.69
CA VAL B 70 -19.42 34.25 2.43
C VAL B 70 -18.87 34.14 3.84
N GLN B 71 -19.76 33.99 4.82
CA GLN B 71 -19.38 34.00 6.23
C GLN B 71 -20.25 33.04 7.04
N GLU B 72 -21.57 33.11 6.86
CA GLU B 72 -22.49 32.25 7.59
C GLU B 72 -22.35 30.79 7.16
N TYR B 73 -21.41 30.07 7.76
CA TYR B 73 -21.19 28.66 7.40
C TYR B 73 -22.48 27.85 7.49
N ALA B 74 -23.23 28.02 8.60
CA ALA B 74 -24.36 27.13 8.88
C ALA B 74 -25.42 27.15 7.77
N VAL B 75 -25.53 28.25 7.02
CA VAL B 75 -26.45 28.29 5.88
C VAL B 75 -26.12 27.15 4.91
N TYR B 76 -24.83 26.95 4.66
CA TYR B 76 -24.41 25.98 3.65
C TYR B 76 -24.42 24.56 4.17
N GLU B 77 -24.09 24.36 5.45
CA GLU B 77 -24.24 23.04 6.02
C GLU B 77 -25.68 22.56 5.92
N ALA B 78 -26.64 23.47 6.13
CA ALA B 78 -28.05 23.07 6.06
C ALA B 78 -28.48 22.77 4.63
N LEU B 79 -28.06 23.60 3.67
CA LEU B 79 -28.33 23.30 2.26
C LEU B 79 -27.84 21.91 1.90
N GLN B 80 -26.60 21.60 2.27
CA GLN B 80 -25.97 20.33 1.91
C GLN B 80 -26.65 19.16 2.61
N LEU B 81 -26.87 19.25 3.92
CA LEU B 81 -27.68 18.25 4.60
C LEU B 81 -29.03 18.08 3.89
N GLY B 82 -29.60 19.19 3.42
CA GLY B 82 -30.82 19.11 2.65
C GLY B 82 -30.65 18.31 1.38
N GLU B 83 -29.64 18.67 0.58
CA GLU B 83 -29.48 17.95 -0.68
C GLU B 83 -29.13 16.49 -0.45
N VAL B 84 -28.47 16.17 0.66
CA VAL B 84 -28.09 14.79 0.94
C VAL B 84 -29.32 13.97 1.34
N PHE B 85 -29.97 14.32 2.45
CA PHE B 85 -31.01 13.46 3.00
C PHE B 85 -32.34 13.55 2.24
N SER B 86 -32.61 14.63 1.50
CA SER B 86 -33.71 14.54 0.55
C SER B 86 -33.45 13.56 -0.58
N ARG B 87 -32.26 12.98 -0.66
CA ARG B 87 -31.93 11.99 -1.69
C ARG B 87 -31.55 10.66 -1.07
N ALA B 88 -32.07 10.37 0.14
CA ALA B 88 -31.69 9.15 0.85
C ALA B 88 -31.86 7.90 0.00
N ASN B 89 -32.97 7.79 -0.74
CA ASN B 89 -33.27 6.56 -1.46
C ASN B 89 -32.40 6.35 -2.69
N GLU B 90 -31.49 7.29 -2.95
CA GLU B 90 -30.63 7.19 -4.15
C GLU B 90 -29.32 6.50 -3.78
N PHE B 91 -29.15 6.11 -2.52
CA PHE B 91 -27.86 5.55 -2.05
C PHE B 91 -28.09 4.32 -1.19
N ASP B 92 -27.11 3.42 -1.17
CA ASP B 92 -27.17 2.20 -0.34
C ASP B 92 -26.50 2.54 0.99
N VAL B 93 -25.51 3.42 0.97
CA VAL B 93 -24.84 3.87 2.22
C VAL B 93 -24.52 5.37 2.10
N ILE B 94 -24.70 6.12 3.19
CA ILE B 94 -24.35 7.53 3.20
C ILE B 94 -23.15 7.69 4.11
N HIS B 95 -22.04 8.20 3.57
CA HIS B 95 -20.83 8.41 4.36
C HIS B 95 -20.75 9.88 4.75
N SER B 96 -21.04 10.16 6.01
CA SER B 96 -20.99 11.51 6.54
C SER B 96 -19.62 11.78 7.13
N HIS B 97 -19.04 12.92 6.78
CA HIS B 97 -17.80 13.39 7.38
C HIS B 97 -17.98 14.75 8.06
N VAL B 98 -19.23 15.22 8.23
CA VAL B 98 -19.53 16.56 8.70
C VAL B 98 -19.80 16.65 10.21
N GLY B 99 -19.72 15.55 10.94
CA GLY B 99 -19.90 15.62 12.39
C GLY B 99 -21.35 15.56 12.82
N TYR B 100 -21.59 16.02 14.05
CA TYR B 100 -22.82 15.72 14.78
C TYR B 100 -24.08 16.30 14.15
N THR B 101 -23.98 17.32 13.29
CA THR B 101 -25.22 17.86 12.71
C THR B 101 -25.94 16.81 11.85
N ALA B 102 -25.21 15.82 11.35
CA ALA B 102 -25.85 14.79 10.55
C ALA B 102 -26.62 13.78 11.40
N LEU B 103 -26.41 13.76 12.72
CA LEU B 103 -27.06 12.74 13.54
C LEU B 103 -28.58 12.77 13.50
N PRO B 104 -29.26 13.92 13.69
CA PRO B 104 -30.74 13.84 13.79
C PRO B 104 -31.42 13.55 12.47
N TYR B 105 -30.85 14.01 11.35
CA TYR B 105 -31.34 13.57 10.04
C TYR B 105 -31.38 12.05 9.94
N THR B 106 -30.38 11.40 10.51
CA THR B 106 -30.20 9.96 10.29
C THR B 106 -31.37 9.15 10.84
N SER B 107 -31.92 9.57 11.98
CA SER B 107 -33.11 8.93 12.53
C SER B 107 -34.38 9.23 11.75
N LEU B 108 -34.32 9.95 10.63
CA LEU B 108 -35.51 10.35 9.89
C LEU B 108 -35.57 9.75 8.50
N VAL B 109 -34.51 9.12 8.03
CA VAL B 109 -34.50 8.40 6.77
C VAL B 109 -34.19 6.95 7.08
N LYS B 110 -34.38 6.10 6.09
CA LYS B 110 -34.15 4.69 6.31
C LYS B 110 -32.80 4.23 5.77
N THR B 111 -32.19 4.98 4.85
CA THR B 111 -30.88 4.64 4.32
C THR B 111 -29.83 4.71 5.44
N PRO B 112 -29.02 3.67 5.65
CA PRO B 112 -28.04 3.70 6.74
C PRO B 112 -26.93 4.71 6.48
N VAL B 113 -26.32 5.20 7.56
CA VAL B 113 -25.33 6.27 7.50
C VAL B 113 -24.10 5.87 8.32
N VAL B 114 -22.92 6.16 7.79
CA VAL B 114 -21.68 5.97 8.52
C VAL B 114 -21.14 7.35 8.84
N HIS B 115 -20.84 7.59 10.12
CA HIS B 115 -20.23 8.84 10.57
C HIS B 115 -18.77 8.59 10.91
N THR B 116 -17.86 9.29 10.23
CA THR B 116 -16.44 9.23 10.57
C THR B 116 -16.14 10.36 11.52
N LEU B 117 -15.64 10.03 12.69
CA LEU B 117 -15.37 11.04 13.71
C LEU B 117 -14.06 11.75 13.37
N HIS B 118 -14.15 13.04 13.06
CA HIS B 118 -12.98 13.81 12.65
C HIS B 118 -12.46 14.76 13.72
N GLY B 119 -13.21 15.00 14.80
CA GLY B 119 -12.74 15.88 15.84
C GLY B 119 -12.71 15.24 17.23
N ARG B 120 -12.46 16.07 18.21
CA ARG B 120 -12.37 15.66 19.60
C ARG B 120 -13.76 15.58 20.22
N PHE B 121 -13.94 14.64 21.15
CA PHE B 121 -15.16 14.68 21.96
C PHE B 121 -15.04 15.79 22.98
N THR B 122 -16.13 16.54 23.15
CA THR B 122 -16.14 17.65 24.10
C THR B 122 -17.27 17.45 25.09
N ALA B 123 -17.24 18.28 26.14
CA ALA B 123 -18.31 18.20 27.12
C ALA B 123 -19.66 18.53 26.49
N ASP B 124 -19.70 19.46 25.53
CA ASP B 124 -20.96 19.70 24.82
C ASP B 124 -21.29 18.56 23.86
N ASN B 125 -20.37 18.19 22.97
CA ASN B 125 -20.81 17.30 21.90
C ASN B 125 -21.03 15.87 22.35
N GLU B 126 -20.54 15.49 23.54
CA GLU B 126 -20.87 14.17 24.10
C GLU B 126 -22.36 14.03 24.37
N ARG B 127 -22.99 15.12 24.78
CA ARG B 127 -24.44 15.18 24.94
C ARG B 127 -25.20 14.74 23.67
N ILE B 128 -24.86 15.21 22.48
CA ILE B 128 -25.63 14.78 21.30
C ILE B 128 -25.19 13.39 20.83
N PHE B 129 -23.89 13.06 20.95
CA PHE B 129 -23.42 11.74 20.53
C PHE B 129 -24.04 10.64 21.38
N SER B 130 -24.05 10.85 22.70
CA SER B 130 -24.69 9.91 23.62
C SER B 130 -26.16 9.70 23.27
N GLN B 131 -26.85 10.77 22.85
CA GLN B 131 -28.24 10.64 22.44
C GLN B 131 -28.40 9.80 21.18
N TYR B 132 -27.45 9.87 20.26
CA TYR B 132 -27.51 9.06 19.05
C TYR B 132 -26.44 7.96 19.09
N ARG B 133 -26.33 7.31 20.26
CA ARG B 133 -25.23 6.40 20.55
C ARG B 133 -25.23 5.16 19.68
N ASN B 134 -26.34 4.84 19.03
CA ASN B 134 -26.51 3.60 18.27
C ASN B 134 -26.30 3.79 16.79
N GLN B 135 -25.93 4.98 16.36
CA GLN B 135 -25.63 5.17 14.96
C GLN B 135 -24.25 4.61 14.64
N ASN B 136 -23.91 4.53 13.36
CA ASN B 136 -22.70 3.80 12.95
C ASN B 136 -21.52 4.78 12.93
N TYR B 137 -20.57 4.54 13.82
CA TYR B 137 -19.42 5.43 13.98
C TYR B 137 -18.14 4.75 13.54
N VAL B 138 -17.25 5.51 12.91
CA VAL B 138 -15.88 5.11 12.67
C VAL B 138 -14.98 6.13 13.36
N SER B 139 -14.10 5.65 14.24
CA SER B 139 -13.05 6.49 14.80
C SER B 139 -11.80 6.45 13.92
N ILE B 140 -11.02 7.53 13.97
CA ILE B 140 -9.78 7.60 13.20
C ILE B 140 -8.55 7.28 14.05
N SER B 141 -8.75 6.98 15.33
CA SER B 141 -7.69 6.45 16.19
C SER B 141 -8.37 5.79 17.39
N HIS B 142 -7.64 4.90 18.04
CA HIS B 142 -8.24 4.27 19.23
C HIS B 142 -8.36 5.27 20.36
N SER B 143 -7.48 6.29 20.40
CA SER B 143 -7.49 7.22 21.53
C SER B 143 -8.56 8.27 21.39
N GLN B 144 -9.03 8.50 20.16
CA GLN B 144 -10.16 9.39 19.95
C GLN B 144 -11.37 8.91 20.74
N ARG B 145 -11.58 7.60 20.81
CA ARG B 145 -12.80 7.04 21.38
C ARG B 145 -12.87 7.34 22.86
N GLN B 146 -13.29 8.52 23.26
CA GLN B 146 -13.37 8.77 24.70
C GLN B 146 -14.74 8.48 25.27
N LEU B 147 -15.76 8.36 24.42
CA LEU B 147 -17.07 7.91 24.86
C LEU B 147 -17.08 6.44 25.26
N ARG B 148 -16.81 5.54 24.31
CA ARG B 148 -16.80 4.08 24.53
C ARG B 148 -18.22 3.54 24.51
N GLU B 149 -19.18 4.39 24.90
CA GLU B 149 -20.62 4.11 24.93
C GLU B 149 -21.26 4.04 23.55
N LEU B 150 -20.57 4.46 22.49
CA LEU B 150 -21.13 4.50 21.14
C LEU B 150 -20.94 3.18 20.40
N ASN B 151 -21.72 3.03 19.33
CA ASN B 151 -21.59 1.91 18.42
C ASN B 151 -20.51 2.21 17.36
N TYR B 152 -19.26 1.94 17.73
CA TYR B 152 -18.15 2.02 16.78
C TYR B 152 -18.14 0.79 15.86
N ILE B 153 -18.24 1.01 14.55
CA ILE B 153 -18.10 -0.11 13.62
C ILE B 153 -16.63 -0.54 13.50
N ALA B 154 -15.69 0.42 13.58
CA ALA B 154 -14.27 0.12 13.42
C ALA B 154 -13.46 1.37 13.77
N THR B 155 -12.17 1.16 14.00
CA THR B 155 -11.20 2.23 13.82
C THR B 155 -10.64 2.12 12.41
N VAL B 156 -10.73 3.21 11.65
CA VAL B 156 -10.06 3.31 10.35
C VAL B 156 -9.09 4.48 10.40
N TYR B 157 -7.80 4.18 10.45
CA TYR B 157 -6.77 5.21 10.43
C TYR B 157 -6.82 6.00 9.13
N ASN B 158 -6.41 7.26 9.19
CA ASN B 158 -6.35 8.10 7.99
C ASN B 158 -5.19 7.66 7.07
N ALA B 159 -5.12 8.30 5.91
CA ALA B 159 -4.17 7.98 4.85
C ALA B 159 -3.83 9.23 4.04
N ILE B 160 -2.70 9.16 3.32
CA ILE B 160 -2.36 10.19 2.35
C ILE B 160 -1.85 9.55 1.07
N ALA B 161 -1.84 10.35 -0.01
CA ALA B 161 -1.32 9.94 -1.31
C ALA B 161 0.19 10.09 -1.27
N VAL B 162 0.84 9.07 -0.66
CA VAL B 162 2.28 9.12 -0.39
C VAL B 162 3.07 9.48 -1.65
N GLU B 163 2.67 8.93 -2.80
CA GLU B 163 3.42 9.16 -4.02
C GLU B 163 3.41 10.63 -4.45
N THR B 164 2.43 11.42 -4.01
CA THR B 164 2.40 12.84 -4.37
C THR B 164 3.24 13.70 -3.44
N HIS B 165 4.01 13.12 -2.53
CA HIS B 165 4.97 13.84 -1.70
C HIS B 165 6.38 13.48 -2.16
N HIS B 166 7.16 14.49 -2.53
CA HIS B 166 8.53 14.24 -2.91
C HIS B 166 9.31 13.75 -1.69
N PHE B 167 10.29 12.90 -1.91
CA PHE B 167 11.08 12.34 -0.82
C PHE B 167 12.42 13.07 -0.76
N TYR B 168 12.76 13.54 0.44
CA TYR B 168 13.99 14.27 0.66
C TYR B 168 14.94 13.35 1.38
N PRO B 169 15.94 12.77 0.70
CA PRO B 169 16.81 11.79 1.37
C PRO B 169 17.60 12.39 2.50
N GLN B 170 17.81 13.71 2.49
CA GLN B 170 18.74 14.33 3.39
C GLN B 170 18.19 15.74 3.65
N PRO B 171 18.19 16.23 4.90
CA PRO B 171 17.59 17.54 5.18
C PRO B 171 18.35 18.67 4.50
N SER B 172 17.74 19.84 4.53
CA SER B 172 18.34 21.01 3.93
C SER B 172 19.56 21.47 4.70
N ASP B 173 20.30 22.39 4.06
CA ASP B 173 21.37 23.10 4.69
C ASP B 173 21.17 24.51 4.12
N PRO B 174 21.11 25.56 4.97
CA PRO B 174 21.30 25.53 6.43
C PRO B 174 20.20 24.76 7.19
N PRO B 175 20.54 24.10 8.31
CA PRO B 175 19.54 23.25 8.98
C PRO B 175 18.42 24.03 9.64
N TYR B 176 17.23 23.44 9.67
CA TYR B 176 16.07 24.05 10.31
C TYR B 176 15.08 22.99 10.78
N LEU B 177 14.25 23.39 11.74
CA LEU B 177 13.13 22.60 12.22
C LEU B 177 11.82 23.16 11.67
N ALA B 178 10.86 22.28 11.39
CA ALA B 178 9.57 22.68 10.85
C ALA B 178 8.43 22.58 11.86
N PHE B 179 7.54 23.58 11.84
CA PHE B 179 6.21 23.50 12.43
C PHE B 179 5.18 23.71 11.34
N LEU B 180 4.22 22.80 11.22
CA LEU B 180 3.16 22.89 10.23
C LEU B 180 1.83 22.51 10.86
N GLY B 181 0.96 23.51 11.02
CA GLY B 181 -0.37 23.29 11.53
C GLY B 181 -1.01 24.63 11.84
N ARG B 182 -2.27 24.56 12.22
CA ARG B 182 -2.95 25.80 12.54
C ARG B 182 -2.38 26.38 13.83
N LEU B 183 -2.37 27.71 13.91
CA LEU B 183 -1.69 28.40 15.00
C LEU B 183 -2.58 28.43 16.26
N SER B 184 -3.04 27.26 16.65
CA SER B 184 -3.85 27.15 17.86
C SER B 184 -3.00 26.72 19.04
N PRO B 185 -3.35 27.12 20.26
CA PRO B 185 -2.68 26.55 21.43
C PRO B 185 -2.75 25.03 21.49
N GLU B 186 -3.71 24.42 20.80
CA GLU B 186 -3.83 22.97 20.79
C GLU B 186 -2.65 22.30 20.08
N LYS B 187 -1.95 23.03 19.21
CA LYS B 187 -0.84 22.49 18.44
C LYS B 187 0.51 22.89 19.02
N GLY B 188 0.51 23.68 20.09
CA GLY B 188 1.71 24.08 20.79
C GLY B 188 2.80 24.79 20.00
N PRO B 189 2.46 25.68 19.06
CA PRO B 189 3.52 26.42 18.37
C PRO B 189 4.32 27.29 19.31
N HIS B 190 3.73 27.71 20.45
CA HIS B 190 4.53 28.38 21.47
C HIS B 190 5.62 27.44 21.98
N HIS B 191 5.28 26.15 22.17
CA HIS B 191 6.27 25.16 22.56
C HIS B 191 7.34 24.98 21.51
N ALA B 192 6.97 25.07 20.23
CA ALA B 192 7.94 24.89 19.14
C ALA B 192 9.03 25.95 19.19
N ILE B 193 8.67 27.21 19.44
CA ILE B 193 9.66 28.27 19.48
C ILE B 193 10.63 28.06 20.64
N GLU B 194 10.09 27.83 21.85
CA GLU B 194 10.83 27.19 22.95
C GLU B 194 11.84 26.13 22.52
N ILE B 195 11.35 25.06 21.90
CA ILE B 195 12.23 23.94 21.60
C ILE B 195 13.36 24.38 20.68
N ALA B 196 13.06 25.16 19.65
CA ALA B 196 14.09 25.51 18.68
C ALA B 196 15.10 26.48 19.28
N LYS B 197 14.62 27.47 20.05
CA LYS B 197 15.52 28.35 20.78
C LYS B 197 16.42 27.55 21.72
N ARG B 198 15.85 26.60 22.48
CA ARG B 198 16.67 25.85 23.41
C ARG B 198 17.72 25.00 22.68
N VAL B 199 17.39 24.44 21.52
CA VAL B 199 18.31 23.49 20.91
C VAL B 199 19.23 24.16 19.89
N GLY B 200 18.98 25.41 19.53
CA GLY B 200 19.91 26.17 18.70
C GLY B 200 19.67 26.11 17.19
N ILE B 201 18.63 25.44 16.74
CA ILE B 201 18.37 25.25 15.31
C ILE B 201 17.19 26.14 14.94
N PRO B 202 17.28 26.92 13.86
CA PRO B 202 16.16 27.81 13.48
C PRO B 202 14.85 27.04 13.29
N LEU B 203 13.76 27.79 13.31
CA LEU B 203 12.42 27.23 13.11
C LEU B 203 11.74 27.91 11.92
N ARG B 204 11.12 27.10 11.08
CA ARG B 204 10.29 27.64 9.99
C ARG B 204 8.87 27.19 10.27
N MET B 205 8.02 28.11 10.72
CA MET B 205 6.61 27.77 11.05
C MET B 205 5.72 28.01 9.82
N ALA B 206 4.53 27.40 9.79
CA ALA B 206 3.56 27.57 8.69
C ALA B 206 2.19 27.13 9.20
N GLY B 207 1.14 27.80 8.74
CA GLY B 207 -0.19 27.42 9.17
C GLY B 207 -1.18 28.55 9.07
N LYS B 208 -2.43 28.16 9.21
CA LYS B 208 -3.56 29.07 9.24
C LYS B 208 -3.68 29.74 10.59
N VAL B 209 -3.96 31.04 10.60
CA VAL B 209 -4.41 31.73 11.80
C VAL B 209 -5.82 32.22 11.53
N ASP B 210 -6.78 31.73 12.29
CA ASP B 210 -8.15 32.16 12.11
C ASP B 210 -8.67 32.73 13.41
N ARG B 211 -9.74 33.50 13.31
CA ARG B 211 -10.35 34.09 14.50
C ARG B 211 -10.68 32.99 15.50
N VAL B 212 -10.58 33.34 16.78
CA VAL B 212 -10.65 32.54 18.01
C VAL B 212 -9.22 32.40 18.50
N ASP B 213 -8.29 32.31 17.55
CA ASP B 213 -6.87 32.17 17.84
C ASP B 213 -6.09 33.46 17.58
N ARG B 214 -6.71 34.47 16.92
CA ARG B 214 -6.00 35.70 16.57
C ARG B 214 -5.37 36.34 17.81
N ASP B 215 -6.08 36.36 18.94
CA ASP B 215 -5.48 36.83 20.19
C ASP B 215 -4.22 36.04 20.56
N TYR B 216 -4.31 34.70 20.55
CA TYR B 216 -3.18 33.83 20.88
C TYR B 216 -1.99 34.10 19.96
N PHE B 217 -2.24 34.22 18.66
CA PHE B 217 -1.17 34.56 17.72
C PHE B 217 -0.54 35.91 18.07
N LYS B 218 -1.34 36.99 17.98
CA LYS B 218 -0.83 38.35 18.19
C LYS B 218 -0.07 38.47 19.49
N GLU B 219 -0.57 37.84 20.56
CA GLU B 219 0.06 37.95 21.87
C GLU B 219 1.26 37.04 22.01
N LEU B 220 1.16 35.78 21.59
CA LEU B 220 2.13 34.77 22.02
C LEU B 220 2.98 34.15 20.92
N ILE B 221 2.78 34.51 19.65
CA ILE B 221 3.63 33.96 18.59
C ILE B 221 4.31 35.11 17.86
N GLU B 222 3.52 36.01 17.30
CA GLU B 222 3.97 37.26 16.65
C GLU B 222 5.18 37.92 17.32
N PRO B 223 5.25 38.09 18.65
CA PRO B 223 6.44 38.76 19.22
C PRO B 223 7.73 37.96 19.12
N HIS B 224 7.68 36.67 18.82
CA HIS B 224 8.90 35.87 18.74
C HIS B 224 9.35 35.61 17.31
N ILE B 225 8.42 35.46 16.37
CA ILE B 225 8.85 35.65 14.99
C ILE B 225 9.43 37.03 14.87
N ASP B 226 10.72 37.07 14.61
CA ASP B 226 11.40 38.28 14.16
C ASP B 226 12.30 37.92 13.01
N GLY B 227 11.78 37.14 12.06
CA GLY B 227 12.57 36.63 10.95
C GLY B 227 13.80 35.87 11.44
N GLU B 228 14.62 35.39 10.50
CA GLU B 228 15.87 34.71 10.81
C GLU B 228 15.63 33.41 11.58
N PHE B 229 15.76 33.46 12.90
CA PHE B 229 15.67 32.24 13.68
C PHE B 229 14.26 31.69 13.69
N ILE B 230 13.26 32.56 13.78
CA ILE B 230 11.85 32.18 13.74
C ILE B 230 11.26 32.84 12.50
N GLN B 231 11.04 32.08 11.42
CA GLN B 231 10.37 32.57 10.20
C GLN B 231 8.94 32.03 10.16
N PHE B 232 8.00 32.82 9.63
CA PHE B 232 6.59 32.41 9.67
C PHE B 232 6.01 31.86 8.36
N ILE B 233 6.44 32.25 7.16
CA ILE B 233 5.87 31.67 5.93
C ILE B 233 4.38 31.93 5.71
N GLY B 234 3.52 31.59 6.68
CA GLY B 234 2.10 31.83 6.54
C GLY B 234 1.35 31.01 5.51
N GLU B 235 0.54 30.07 6.02
CA GLU B 235 -0.24 29.05 5.35
C GLU B 235 0.34 28.51 4.05
N ALA B 236 0.61 27.21 4.04
CA ALA B 236 1.31 26.53 2.97
C ALA B 236 0.35 25.67 2.15
N ASP B 237 0.50 25.73 0.83
CA ASP B 237 -0.19 24.83 -0.05
C ASP B 237 0.66 23.57 -0.22
N HIS B 238 0.17 22.62 -1.02
CA HIS B 238 0.81 21.31 -1.04
C HIS B 238 2.30 21.39 -1.35
N PRO B 239 2.75 22.02 -2.44
CA PRO B 239 4.20 21.97 -2.74
C PRO B 239 5.02 22.67 -1.67
N THR B 240 4.53 23.81 -1.15
CA THR B 240 5.24 24.50 -0.08
C THR B 240 5.45 23.59 1.13
N LYS B 241 4.38 22.97 1.64
CA LYS B 241 4.52 22.23 2.89
C LYS B 241 5.34 20.96 2.69
N ASN B 242 5.25 20.35 1.50
CA ASN B 242 6.14 19.24 1.18
C ASN B 242 7.60 19.66 1.26
N ALA B 243 7.93 20.81 0.67
CA ALA B 243 9.31 21.29 0.73
C ALA B 243 9.67 21.74 2.14
N LEU B 244 8.71 22.35 2.84
CA LEU B 244 8.96 22.76 4.22
C LEU B 244 9.31 21.55 5.09
N LEU B 245 8.47 20.50 5.06
CA LEU B 245 8.71 19.33 5.90
C LEU B 245 9.94 18.55 5.43
N GLY B 246 9.95 18.13 4.16
CA GLY B 246 11.08 17.40 3.63
C GLY B 246 12.42 18.05 3.93
N GLY B 247 12.46 19.39 3.87
CA GLY B 247 13.71 20.10 4.11
C GLY B 247 14.16 20.14 5.56
N ALA B 248 13.26 19.90 6.51
CA ALA B 248 13.57 20.00 7.93
C ALA B 248 14.32 18.75 8.43
N ILE B 249 15.09 18.90 9.51
CA ILE B 249 15.65 17.69 10.12
C ILE B 249 14.57 16.97 10.91
N ALA B 250 13.64 17.75 11.48
CA ALA B 250 12.54 17.18 12.27
C ALA B 250 11.35 18.13 12.25
N MET B 251 10.15 17.58 12.23
CA MET B 251 8.95 18.44 12.39
C MET B 251 8.54 18.39 13.85
N LEU B 252 8.39 19.57 14.46
CA LEU B 252 7.97 19.65 15.87
C LEU B 252 6.45 19.54 15.94
N PHE B 253 5.96 18.70 16.84
CA PHE B 253 4.52 18.45 17.00
C PHE B 253 4.23 18.46 18.48
N PRO B 254 4.37 19.61 19.14
CA PRO B 254 4.19 19.68 20.60
C PRO B 254 2.74 19.95 21.01
N ILE B 255 1.83 19.05 20.59
CA ILE B 255 0.41 19.19 20.87
C ILE B 255 0.17 19.23 22.38
N THR B 256 -0.99 19.81 22.75
CA THR B 256 -1.42 19.91 24.13
C THR B 256 -2.87 19.47 24.30
N TRP B 257 -3.36 18.63 23.40
CA TRP B 257 -4.79 18.34 23.37
C TRP B 257 -4.95 16.93 22.82
N GLN B 258 -6.17 16.41 22.97
CA GLN B 258 -6.50 15.05 22.59
C GLN B 258 -6.61 14.98 21.06
N GLU B 259 -5.45 15.02 20.41
CA GLU B 259 -5.36 15.05 18.94
C GLU B 259 -6.08 13.85 18.32
N PRO B 260 -7.11 14.06 17.49
CA PRO B 260 -7.79 12.89 16.88
C PRO B 260 -6.88 12.04 16.01
N PHE B 261 -6.09 12.66 15.13
CA PHE B 261 -5.19 11.87 14.30
C PHE B 261 -3.85 12.56 14.07
N GLY B 262 -3.84 13.73 13.43
CA GLY B 262 -2.58 14.41 13.21
C GLY B 262 -1.95 14.10 11.87
N LEU B 263 -2.61 14.42 10.75
CA LEU B 263 -2.15 14.07 9.39
C LEU B 263 -0.78 14.67 9.03
N VAL B 264 -0.41 15.77 9.66
CA VAL B 264 0.90 16.44 9.36
C VAL B 264 2.04 15.51 9.76
N MET B 265 1.80 14.57 10.66
CA MET B 265 2.85 13.63 11.12
C MET B 265 3.16 12.65 9.99
N ILE B 266 2.13 12.09 9.37
CA ILE B 266 2.33 11.14 8.23
C ILE B 266 2.78 11.93 6.99
N GLU B 267 2.44 13.20 6.85
CA GLU B 267 2.95 13.99 5.69
C GLU B 267 4.45 14.27 5.84
N SER B 268 4.91 14.46 7.07
CA SER B 268 6.35 14.72 7.33
C SER B 268 7.15 13.45 7.08
N MET B 269 6.67 12.33 7.58
CA MET B 269 7.41 11.06 7.45
C MET B 269 7.50 10.65 5.98
N ALA B 270 6.46 10.92 5.19
CA ALA B 270 6.47 10.62 3.75
C ALA B 270 7.58 11.42 3.07
N ALA B 271 7.79 12.66 3.49
CA ALA B 271 8.89 13.43 2.92
C ALA B 271 10.26 12.94 3.41
N GLY B 272 10.30 11.95 4.30
CA GLY B 272 11.53 11.52 4.92
C GLY B 272 11.88 12.17 6.24
N THR B 273 11.01 13.00 6.82
CA THR B 273 11.37 13.75 8.02
C THR B 273 10.66 13.19 9.24
N PRO B 274 11.38 12.67 10.23
CA PRO B 274 10.73 12.18 11.45
C PRO B 274 10.14 13.30 12.30
N VAL B 275 9.28 12.89 13.23
CA VAL B 275 8.46 13.78 14.05
C VAL B 275 8.90 13.68 15.50
N VAL B 276 9.13 14.82 16.14
CA VAL B 276 9.24 14.93 17.59
C VAL B 276 7.88 15.40 18.12
N ALA B 277 7.12 14.50 18.75
CA ALA B 277 5.79 14.84 19.26
C ALA B 277 5.65 14.64 20.77
N ILE B 278 4.90 15.55 21.41
CA ILE B 278 4.31 15.29 22.71
C ILE B 278 3.34 14.11 22.60
N ALA B 279 3.39 13.21 23.58
CA ALA B 279 2.70 11.93 23.50
C ALA B 279 1.27 12.03 24.01
N LYS B 280 0.47 12.87 23.34
CA LYS B 280 -0.94 13.04 23.63
C LYS B 280 -1.79 12.55 22.46
N GLY B 281 -3.07 12.31 22.73
CA GLY B 281 -3.99 11.97 21.65
C GLY B 281 -3.49 10.80 20.84
N ALA B 282 -3.50 10.95 19.50
CA ALA B 282 -3.21 9.87 18.57
C ALA B 282 -1.73 9.74 18.24
N ALA B 283 -0.89 10.65 18.74
CA ALA B 283 0.53 10.60 18.42
C ALA B 283 1.18 9.28 18.83
N PRO B 284 0.91 8.71 20.00
CA PRO B 284 1.51 7.41 20.33
C PRO B 284 1.18 6.31 19.33
N GLU B 285 0.00 6.36 18.71
CA GLU B 285 -0.38 5.37 17.71
C GLU B 285 0.25 5.64 16.34
N VAL B 286 0.60 6.88 16.04
CA VAL B 286 1.07 7.23 14.71
C VAL B 286 2.59 7.16 14.61
N ILE B 287 3.27 7.70 15.61
CA ILE B 287 4.73 7.71 15.65
C ILE B 287 5.23 6.37 16.16
N GLU B 288 6.27 5.85 15.53
CA GLU B 288 6.98 4.68 16.03
C GLU B 288 8.25 5.17 16.72
N HIS B 289 8.16 5.33 18.04
CA HIS B 289 9.24 5.87 18.86
C HIS B 289 10.55 5.12 18.62
N GLY B 290 11.60 5.87 18.33
CA GLY B 290 12.90 5.31 18.02
C GLY B 290 13.11 4.96 16.56
N LYS B 291 12.04 4.83 15.78
CA LYS B 291 12.15 4.50 14.36
C LYS B 291 11.81 5.72 13.49
N THR B 292 10.61 6.29 13.63
CA THR B 292 10.15 7.38 12.76
C THR B 292 9.96 8.70 13.50
N GLY B 293 10.54 8.83 14.69
CA GLY B 293 10.38 10.01 15.49
C GLY B 293 10.51 9.66 16.95
N PHE B 294 10.09 10.59 17.82
CA PHE B 294 10.22 10.39 19.25
C PHE B 294 9.00 10.88 20.00
N LEU B 295 8.47 10.02 20.87
CA LEU B 295 7.38 10.37 21.77
C LEU B 295 7.95 11.00 23.03
N CYS B 296 7.42 12.15 23.42
CA CYS B 296 7.97 12.97 24.49
C CYS B 296 6.88 13.44 25.45
N HIS B 297 7.28 13.86 26.65
CA HIS B 297 6.35 14.32 27.66
C HIS B 297 6.65 15.74 28.17
N SER B 298 7.56 16.47 27.53
CA SER B 298 7.93 17.82 27.94
C SER B 298 8.76 18.48 26.86
N VAL B 299 8.86 19.81 26.95
CA VAL B 299 9.66 20.58 26.01
C VAL B 299 11.10 20.09 26.01
N GLU B 300 11.64 19.79 27.20
CA GLU B 300 13.03 19.37 27.26
C GLU B 300 13.21 17.92 26.84
N ASP B 301 12.18 17.07 26.96
CA ASP B 301 12.23 15.80 26.26
C ASP B 301 12.36 16.03 24.77
N CYS B 302 11.62 17.01 24.25
CA CYS B 302 11.63 17.27 22.81
C CYS B 302 13.01 17.74 22.36
N VAL B 303 13.60 18.67 23.12
CA VAL B 303 14.92 19.19 22.79
C VAL B 303 15.93 18.05 22.70
N ALA B 304 15.87 17.11 23.64
CA ALA B 304 16.77 15.97 23.58
C ALA B 304 16.47 15.09 22.36
N ALA B 305 15.19 14.97 21.98
CA ALA B 305 14.86 14.09 20.85
C ALA B 305 15.44 14.65 19.56
N VAL B 306 15.46 15.99 19.42
CA VAL B 306 16.02 16.63 18.23
C VAL B 306 17.48 16.30 18.07
N ALA B 307 18.20 16.14 19.19
CA ALA B 307 19.62 15.82 19.14
C ALA B 307 19.89 14.38 18.68
N GLN B 308 18.88 13.52 18.66
CA GLN B 308 19.05 12.15 18.23
C GLN B 308 18.43 11.86 16.87
N VAL B 309 17.68 12.81 16.31
CA VAL B 309 16.99 12.58 15.04
C VAL B 309 17.96 12.28 13.90
N PRO B 310 19.15 12.89 13.81
CA PRO B 310 20.05 12.57 12.68
C PRO B 310 20.35 11.10 12.51
N GLN B 311 20.16 10.29 13.56
CA GLN B 311 20.47 8.87 13.57
C GLN B 311 19.31 7.99 13.12
N LEU B 312 18.18 8.59 12.76
CA LEU B 312 17.03 7.85 12.24
C LEU B 312 17.14 7.72 10.72
N ASP B 313 16.64 6.61 10.19
CA ASP B 313 16.61 6.41 8.72
C ASP B 313 15.43 7.18 8.13
N ARG B 314 15.74 8.12 7.24
CA ARG B 314 14.70 8.97 6.61
C ARG B 314 13.87 8.13 5.64
N MET B 315 14.49 7.15 4.98
CA MET B 315 13.79 6.31 3.99
C MET B 315 12.82 5.36 4.69
N ALA B 316 13.11 4.99 5.93
CA ALA B 316 12.22 4.12 6.72
C ALA B 316 10.98 4.90 7.13
N CYS B 317 11.12 6.20 7.38
CA CYS B 317 9.95 7.02 7.69
C CYS B 317 8.97 7.01 6.53
N ARG B 318 9.46 7.05 5.29
CA ARG B 318 8.55 6.97 4.15
C ARG B 318 7.96 5.58 4.00
N ASP B 319 8.80 4.52 4.09
CA ASP B 319 8.28 3.16 4.06
C ASP B 319 7.17 2.98 5.07
N TYR B 320 7.35 3.56 6.27
CA TYR B 320 6.40 3.39 7.35
C TYR B 320 5.01 3.87 6.94
N VAL B 321 4.93 5.03 6.28
CA VAL B 321 3.62 5.55 5.88
C VAL B 321 2.99 4.68 4.79
N TRP B 322 3.80 4.12 3.87
CA TRP B 322 3.24 3.20 2.87
C TRP B 322 2.60 1.97 3.53
N GLN B 323 3.29 1.34 4.51
CA GLN B 323 2.73 0.18 5.21
C GLN B 323 1.41 0.50 5.90
N ARG B 324 1.40 1.57 6.71
CA ARG B 324 0.38 1.77 7.74
C ARG B 324 -0.65 2.83 7.39
N PHE B 325 -0.29 3.86 6.61
CA PHE B 325 -1.18 4.99 6.36
C PHE B 325 -1.34 5.24 4.86
N SER B 326 -1.44 4.18 4.07
CA SER B 326 -1.60 4.29 2.63
C SER B 326 -3.09 4.34 2.28
N VAL B 327 -3.38 4.85 1.08
CA VAL B 327 -4.77 5.05 0.67
C VAL B 327 -5.51 3.71 0.46
N GLU B 328 -4.89 2.74 -0.22
CA GLU B 328 -5.59 1.50 -0.53
C GLU B 328 -6.02 0.75 0.73
N ARG B 329 -5.24 0.82 1.81
CA ARG B 329 -5.66 0.18 3.09
C ARG B 329 -6.94 0.85 3.61
N MET B 330 -6.96 2.18 3.64
CA MET B 330 -8.05 2.97 4.25
C MET B 330 -9.35 2.68 3.50
N VAL B 331 -9.28 2.68 2.17
CA VAL B 331 -10.51 2.48 1.36
C VAL B 331 -10.98 1.03 1.48
N SER B 332 -10.06 0.08 1.63
CA SER B 332 -10.55 -1.28 1.84
C SER B 332 -11.18 -1.43 3.22
N GLU B 333 -10.62 -0.74 4.23
CA GLU B 333 -11.24 -0.81 5.56
C GLU B 333 -12.60 -0.11 5.55
N TYR B 334 -12.75 1.00 4.82
CA TYR B 334 -14.05 1.64 4.74
C TYR B 334 -15.05 0.76 3.98
N GLU B 335 -14.59 0.08 2.93
CA GLU B 335 -15.46 -0.86 2.22
C GLU B 335 -15.91 -1.98 3.13
N ALA B 336 -15.07 -2.40 4.08
CA ALA B 336 -15.52 -3.39 5.05
C ALA B 336 -16.57 -2.81 5.99
N VAL B 337 -16.45 -1.52 6.36
CA VAL B 337 -17.45 -0.89 7.22
C VAL B 337 -18.79 -0.81 6.50
N TYR B 338 -18.79 -0.38 5.23
CA TYR B 338 -20.04 -0.36 4.47
C TYR B 338 -20.72 -1.73 4.47
N ASP B 339 -19.94 -2.79 4.25
CA ASP B 339 -20.51 -4.14 4.21
C ASP B 339 -21.20 -4.49 5.52
N THR B 340 -20.51 -4.27 6.66
CA THR B 340 -21.10 -4.55 7.97
C THR B 340 -22.35 -3.73 8.21
N VAL B 341 -22.31 -2.44 7.87
CA VAL B 341 -23.50 -1.62 8.07
C VAL B 341 -24.64 -2.13 7.21
N LEU B 342 -24.36 -2.45 5.95
CA LEU B 342 -25.42 -2.86 5.03
C LEU B 342 -26.03 -4.20 5.41
N ALA B 343 -25.25 -5.08 6.04
CA ALA B 343 -25.73 -6.38 6.50
C ALA B 343 -26.37 -6.33 7.88
N ASN B 344 -26.79 -5.15 8.35
CA ASN B 344 -27.49 -5.02 9.63
C ASN B 344 -28.74 -4.13 9.52
N1 UDP C . 14.37 -16.60 -6.65
C2 UDP C . 15.29 -16.78 -5.63
N3 UDP C . 16.46 -17.19 -5.84
C4 UDP C . 16.96 -17.48 -6.94
C5 UDP C . 16.29 -17.41 -8.09
C6 UDP C . 14.93 -16.95 -7.93
O2 UDP C . 14.95 -16.53 -4.49
O4 UDP C . 18.11 -17.86 -6.96
C1' UDP C . 13.06 -16.18 -6.43
C2' UDP C . 12.76 -14.85 -7.03
O2' UDP C . 13.16 -13.77 -6.11
C3' UDP C . 11.32 -14.89 -7.19
C4' UDP C . 10.97 -16.31 -7.51
O4' UDP C . 12.14 -17.15 -7.12
O3' UDP C . 10.75 -14.61 -5.88
C5' UDP C . 10.74 -16.52 -8.96
O5' UDP C . 9.51 -15.98 -9.33
PA UDP C . 9.37 -15.45 -10.88
O1A UDP C . 8.01 -15.01 -11.22
O2A UDP C . 10.24 -14.28 -11.09
O3A UDP C . 9.87 -16.63 -11.88
PB UDP C . 9.00 -17.99 -12.10
O1B UDP C . 8.17 -17.89 -13.51
O2B UDP C . 9.92 -19.13 -12.03
O3B UDP C . 8.06 -18.17 -10.98
N1 UDP D . -2.07 22.20 6.30
C2 UDP D . -1.67 22.98 5.24
N3 UDP D . -1.14 24.12 5.41
C4 UDP D . -0.92 24.68 6.48
C5 UDP D . -1.23 24.15 7.64
C6 UDP D . -1.82 22.85 7.56
O2 UDP D . -1.83 22.54 4.13
O4 UDP D . -0.43 25.76 6.47
C1' UDP D . -2.64 20.93 6.15
C2' UDP D . -1.80 19.90 6.80
O2' UDP D . -0.74 19.48 5.90
C3' UDP D . -2.74 18.82 7.01
C4' UDP D . -4.01 19.48 7.42
O4' UDP D . -4.02 20.85 6.78
O3' UDP D . -2.94 18.19 5.70
C5' UDP D . -4.09 19.67 8.88
O5' UDP D . -4.75 18.59 9.44
PA UDP D . -4.17 17.84 10.80
O1A UDP D . -2.70 17.81 10.89
O2A UDP D . -4.60 16.45 10.78
O3A UDP D . -4.72 18.56 12.17
PB UDP D . -6.10 19.42 12.32
O1B UDP D . -5.88 20.83 11.94
O2B UDP D . -6.54 19.23 13.89
O3B UDP D . -7.13 18.96 11.36
#